data_5KPK
#
_entry.id   5KPK
#
_cell.length_a   64.367
_cell.length_b   67.709
_cell.length_c   67.558
_cell.angle_alpha   79.560
_cell.angle_beta   88.180
_cell.angle_gamma   76.500
#
_symmetry.space_group_name_H-M   'P 1'
#
loop_
_entity.id
_entity.type
_entity.pdbx_description
1 polymer 'Glycogen synthase kinase-3 beta'
2 non-polymer (4~{S})-3-cyclopropyl-4,7,7-trimethyl-4-phenyl-2,6,8,9-tetrahydropyrazolo[3,4-b]quinolin-5-one
3 water water
#
_entity_poly.entity_id   1
_entity_poly.type   'polypeptide(L)'
_entity_poly.pdbx_seq_one_letter_code
;GSPGMSGRPRTTSFAESCKPVQQPSAFGSMKVSRDKDGSKVTTVVATPGQGPDRPQEVSYTDTKVIGNGSFGVVYQAKLC
DSGELVAIKKVLQDKRFKNRELQIMRKLDHCNIVRLRYFFYSSGEKKDEVYLNLVLDYVPETVYRVARHYSRAKQTLPVI
YVKLYMYQLFRSLAYIHSFGICHRDIKPQNLLLDPDTAVLKLCDFGSAKQLVRGEPNVS(PTR)ICSRYYRAPELIFGAT
DYTSSIDVWSAGCVLAELLLGQPIFPGDSGVDQLVEIIKVLGTPTREQIREMNPNYTEFKFPQIKAHPWTKVFRPRTPPE
AIALCSRLLEYTPTARLTPLEACAHSFFDELRDPNVKLPNGRDTPALFNFTTQELSSNPPLATILIPPHARIQAAASTPT
NATAASDANTGDRGQTNNAASASASNST
;
_entity_poly.pdbx_strand_id   A,B
#
# COMPACT_ATOMS: atom_id res chain seq x y z
N SER A 39 -29.90 -19.99 15.07
CA SER A 39 -28.81 -20.44 14.15
C SER A 39 -27.43 -20.69 14.87
N LYS A 40 -26.30 -20.42 14.20
CA LYS A 40 -24.96 -20.82 14.66
C LYS A 40 -24.35 -19.96 15.82
N VAL A 41 -24.32 -20.52 17.03
CA VAL A 41 -23.71 -19.85 18.19
C VAL A 41 -22.30 -20.36 18.45
N THR A 42 -21.38 -19.45 18.72
CA THR A 42 -19.97 -19.81 19.03
C THR A 42 -19.65 -19.29 20.41
N THR A 43 -19.04 -20.17 21.20
CA THR A 43 -18.71 -19.82 22.58
C THR A 43 -17.22 -19.90 22.73
N VAL A 44 -16.63 -18.84 23.26
CA VAL A 44 -15.17 -18.87 23.55
C VAL A 44 -14.90 -18.44 24.96
N VAL A 45 -13.69 -18.71 25.41
CA VAL A 45 -13.21 -18.19 26.70
C VAL A 45 -12.23 -17.06 26.47
N ALA A 46 -12.58 -15.89 26.96
CA ALA A 46 -12.02 -14.64 26.50
C ALA A 46 -11.74 -13.74 27.68
N THR A 47 -10.58 -13.13 27.67
CA THR A 47 -10.19 -12.19 28.71
C THR A 47 -10.69 -10.82 28.37
N PRO A 48 -11.29 -10.07 29.33
CA PRO A 48 -11.66 -8.69 29.03
C PRO A 48 -10.43 -7.85 28.75
N GLY A 49 -10.57 -6.88 27.85
CA GLY A 49 -9.42 -6.22 27.22
C GLY A 49 -8.76 -5.29 28.20
N GLN A 50 -9.58 -4.46 28.83
CA GLN A 50 -9.18 -3.78 30.04
C GLN A 50 -10.13 -4.33 31.11
N GLY A 51 -9.54 -4.60 32.27
CA GLY A 51 -10.24 -5.15 33.42
C GLY A 51 -9.30 -6.12 34.08
N PRO A 52 -9.69 -6.67 35.27
CA PRO A 52 -8.84 -7.70 35.91
C PRO A 52 -8.69 -8.92 34.99
N ASP A 53 -7.57 -9.62 35.10
CA ASP A 53 -7.23 -10.69 34.14
C ASP A 53 -8.05 -12.00 34.32
N ARG A 54 -9.37 -11.90 34.10
CA ARG A 54 -10.37 -12.92 34.49
C ARG A 54 -11.18 -13.51 33.29
N PRO A 55 -10.72 -14.62 32.65
CA PRO A 55 -11.39 -15.19 31.45
C PRO A 55 -12.84 -15.53 31.69
N GLN A 56 -13.74 -15.21 30.76
CA GLN A 56 -15.17 -15.44 30.87
C GLN A 56 -15.64 -16.07 29.59
N GLU A 57 -16.72 -16.81 29.66
CA GLU A 57 -17.33 -17.40 28.49
C GLU A 57 -18.07 -16.30 27.81
N VAL A 58 -17.84 -16.21 26.49
CA VAL A 58 -18.45 -15.19 25.66
C VAL A 58 -19.00 -15.89 24.43
N SER A 59 -20.26 -15.57 24.12
CA SER A 59 -20.99 -16.17 23.00
C SER A 59 -21.33 -15.12 21.98
N TYR A 60 -21.08 -15.47 20.73
CA TYR A 60 -21.39 -14.59 19.62
C TYR A 60 -21.98 -15.36 18.42
N THR A 61 -22.70 -14.62 17.59
CA THR A 61 -23.30 -15.21 16.38
C THR A 61 -23.35 -14.19 15.20
N ASP A 62 -23.86 -14.62 14.03
CA ASP A 62 -24.09 -13.73 12.85
C ASP A 62 -22.77 -13.20 12.36
N THR A 63 -21.96 -14.17 11.99
CA THR A 63 -20.59 -14.07 11.67
C THR A 63 -20.41 -13.81 10.16
N LYS A 64 -19.58 -12.83 9.82
CA LYS A 64 -19.16 -12.63 8.42
C LYS A 64 -17.89 -11.79 8.36
N VAL A 65 -17.15 -12.00 7.27
CA VAL A 65 -15.98 -11.19 6.92
C VAL A 65 -16.46 -9.79 6.55
N ILE A 66 -15.91 -8.78 7.22
CA ILE A 66 -16.03 -7.36 6.82
C ILE A 66 -14.69 -6.70 6.47
N GLY A 67 -13.59 -7.42 6.70
CA GLY A 67 -12.28 -6.89 6.53
C GLY A 67 -11.26 -7.94 6.24
N ASN A 68 -10.36 -7.64 5.32
CA ASN A 68 -9.22 -8.49 5.02
C ASN A 68 -8.22 -7.63 4.25
N GLY A 69 -7.37 -6.97 5.03
CA GLY A 69 -6.54 -5.90 4.52
C GLY A 69 -5.19 -5.94 5.19
N SER A 70 -4.47 -4.82 5.05
CA SER A 70 -3.25 -4.43 5.80
C SER A 70 -3.32 -4.85 7.29
N PHE A 71 -4.49 -4.54 7.87
CA PHE A 71 -4.88 -4.83 9.27
C PHE A 71 -5.21 -6.31 9.64
N GLY A 72 -5.17 -7.25 8.69
CA GLY A 72 -5.54 -8.64 8.94
C GLY A 72 -6.98 -8.98 8.56
N VAL A 73 -7.38 -10.24 8.78
CA VAL A 73 -8.80 -10.67 8.53
C VAL A 73 -9.68 -10.33 9.72
N VAL A 74 -10.81 -9.67 9.46
CA VAL A 74 -11.69 -9.21 10.48
C VAL A 74 -13.12 -9.65 10.16
N TYR A 75 -13.81 -10.13 11.20
CA TYR A 75 -15.17 -10.57 11.09
C TYR A 75 -16.06 -9.64 11.82
N GLN A 76 -17.28 -9.52 11.35
CA GLN A 76 -18.30 -8.92 12.19
C GLN A 76 -18.97 -10.09 12.94
N ALA A 77 -19.47 -9.79 14.13
CA ALA A 77 -20.19 -10.75 14.90
C ALA A 77 -21.10 -10.00 15.86
N LYS A 78 -22.11 -10.72 16.35
CA LYS A 78 -23.13 -10.17 17.24
C LYS A 78 -23.02 -10.92 18.57
N LEU A 79 -22.81 -10.17 19.65
CA LEU A 79 -22.76 -10.75 21.01
C LEU A 79 -24.13 -11.25 21.48
N CYS A 80 -24.22 -12.54 21.78
CA CYS A 80 -25.46 -13.17 22.28
C CYS A 80 -26.20 -12.45 23.42
N ASP A 81 -25.52 -12.07 24.49
CA ASP A 81 -26.21 -11.36 25.60
C ASP A 81 -26.76 -10.02 25.14
N SER A 82 -25.89 -9.05 24.86
CA SER A 82 -26.33 -7.67 24.55
C SER A 82 -26.88 -7.46 23.15
N GLY A 83 -26.81 -8.46 22.27
CA GLY A 83 -27.16 -8.26 20.85
C GLY A 83 -26.26 -7.27 20.08
N GLU A 84 -25.17 -6.84 20.71
CA GLU A 84 -24.31 -5.79 20.23
C GLU A 84 -23.31 -6.29 19.20
N LEU A 85 -23.13 -5.48 18.17
CA LEU A 85 -22.28 -5.86 17.01
C LEU A 85 -20.84 -5.54 17.33
N VAL A 86 -19.96 -6.49 17.08
CA VAL A 86 -18.53 -6.25 17.30
C VAL A 86 -17.72 -6.70 16.11
N ALA A 87 -16.45 -6.26 16.08
CA ALA A 87 -15.49 -6.66 15.07
C ALA A 87 -14.41 -7.55 15.69
N ILE A 88 -14.02 -8.61 14.98
CA ILE A 88 -13.09 -9.56 15.53
C ILE A 88 -11.93 -9.74 14.57
N LYS A 89 -10.77 -9.25 14.99
CA LYS A 89 -9.56 -9.34 14.21
C LYS A 89 -8.87 -10.65 14.64
N LYS A 90 -8.60 -11.48 13.65
CA LYS A 90 -8.04 -12.78 13.86
C LYS A 90 -6.71 -12.89 13.15
N VAL A 91 -5.67 -13.01 13.95
CA VAL A 91 -4.32 -12.94 13.51
C VAL A 91 -3.52 -14.11 14.06
N LEU A 92 -2.70 -14.71 13.20
CA LEU A 92 -1.81 -15.80 13.59
C LEU A 92 -0.77 -15.22 14.52
N GLN A 93 -0.62 -15.81 15.71
CA GLN A 93 0.24 -15.27 16.76
C GLN A 93 1.18 -16.36 17.22
N ASP A 94 2.46 -16.16 16.93
CA ASP A 94 3.54 -17.02 17.41
C ASP A 94 3.80 -16.79 18.92
N LYS A 95 3.85 -17.84 19.72
CA LYS A 95 4.20 -17.74 21.17
C LYS A 95 5.67 -17.36 21.45
N ARG A 96 6.55 -17.55 20.45
CA ARG A 96 7.96 -17.08 20.54
C ARG A 96 8.14 -15.54 20.52
N PHE A 97 7.03 -14.79 20.53
CA PHE A 97 6.99 -13.40 21.04
C PHE A 97 5.56 -12.98 21.51
N LYS A 98 5.47 -11.84 22.18
CA LYS A 98 4.20 -11.26 22.57
C LYS A 98 3.64 -10.37 21.44
N ASN A 99 2.33 -10.14 21.44
CA ASN A 99 1.71 -9.32 20.41
C ASN A 99 1.72 -7.85 20.83
N ARG A 100 2.46 -7.06 20.09
CA ARG A 100 2.60 -5.63 20.33
C ARG A 100 1.26 -4.89 20.38
N GLU A 101 0.42 -5.17 19.39
CA GLU A 101 -0.87 -4.49 19.28
C GLU A 101 -1.75 -4.83 20.45
N LEU A 102 -1.79 -6.13 20.80
CA LEU A 102 -2.44 -6.54 22.05
C LEU A 102 -1.99 -5.73 23.25
N GLN A 103 -0.69 -5.60 23.40
CA GLN A 103 -0.13 -4.97 24.61
C GLN A 103 -0.48 -3.50 24.66
N ILE A 104 -0.44 -2.85 23.49
CA ILE A 104 -0.89 -1.47 23.38
C ILE A 104 -2.37 -1.33 23.67
N MET A 105 -3.22 -2.14 23.03
CA MET A 105 -4.70 -1.97 23.18
C MET A 105 -5.12 -2.23 24.63
N ARG A 106 -4.43 -3.13 25.31
CA ARG A 106 -4.78 -3.42 26.71
C ARG A 106 -4.64 -2.20 27.63
N LYS A 107 -3.83 -1.21 27.27
CA LYS A 107 -3.70 -0.01 28.12
C LYS A 107 -4.74 1.04 27.87
N LEU A 108 -5.41 0.99 26.72
CA LEU A 108 -6.14 2.17 26.23
C LEU A 108 -7.56 2.14 26.67
N ASP A 109 -8.03 3.24 27.18
CA ASP A 109 -9.43 3.34 27.44
C ASP A 109 -9.86 4.78 27.27
N HIS A 110 -10.49 5.05 26.15
CA HIS A 110 -10.79 6.41 25.78
C HIS A 110 -11.96 6.42 24.78
N CYS A 111 -12.76 7.46 24.89
CA CYS A 111 -14.00 7.49 24.14
C CYS A 111 -13.72 7.65 22.63
N ASN A 112 -12.60 8.25 22.27
CA ASN A 112 -12.17 8.39 20.89
C ASN A 112 -11.16 7.36 20.38
N ILE A 113 -11.10 6.20 21.04
CA ILE A 113 -10.27 5.09 20.60
C ILE A 113 -11.08 3.82 20.62
N VAL A 114 -10.91 2.99 19.60
CA VAL A 114 -11.59 1.70 19.50
C VAL A 114 -11.23 0.91 20.73
N ARG A 115 -12.22 0.32 21.38
CA ARG A 115 -12.01 -0.35 22.67
C ARG A 115 -11.80 -1.83 22.36
N LEU A 116 -10.77 -2.42 22.95
CA LEU A 116 -10.65 -3.87 22.98
C LEU A 116 -11.62 -4.38 24.09
N ARG A 117 -12.71 -5.04 23.69
CA ARG A 117 -13.73 -5.58 24.59
C ARG A 117 -13.16 -6.82 25.27
N TYR A 118 -12.60 -7.73 24.47
CA TYR A 118 -12.03 -8.98 24.91
C TYR A 118 -10.94 -9.39 23.94
N PHE A 119 -10.12 -10.34 24.35
CA PHE A 119 -9.28 -11.09 23.46
C PHE A 119 -9.26 -12.57 23.83
N PHE A 120 -9.00 -13.41 22.85
CA PHE A 120 -8.98 -14.80 23.09
C PHE A 120 -8.14 -15.52 22.06
N TYR A 121 -7.72 -16.73 22.40
CA TYR A 121 -6.83 -17.54 21.58
C TYR A 121 -7.64 -18.68 21.00
N SER A 122 -7.28 -19.16 19.81
CA SER A 122 -8.07 -20.17 19.09
C SER A 122 -7.21 -20.96 18.11
N SER A 123 -7.80 -21.96 17.45
CA SER A 123 -7.28 -22.43 16.16
C SER A 123 -8.38 -22.40 15.10
N LYS A 127 -2.20 -27.79 11.97
CA LYS A 127 -1.03 -27.95 12.85
C LYS A 127 -1.38 -27.56 14.28
N ASP A 128 -0.39 -27.59 15.17
CA ASP A 128 -0.52 -26.96 16.49
C ASP A 128 -0.31 -25.45 16.29
N GLU A 129 -1.35 -24.82 15.74
CA GLU A 129 -1.33 -23.40 15.27
C GLU A 129 -2.28 -22.57 16.14
N VAL A 130 -1.83 -21.42 16.67
CA VAL A 130 -2.71 -20.51 17.47
C VAL A 130 -2.96 -19.08 16.92
N TYR A 131 -4.21 -18.64 17.05
CA TYR A 131 -4.66 -17.35 16.57
C TYR A 131 -5.08 -16.52 17.74
N LEU A 132 -4.52 -15.31 17.82
CA LEU A 132 -5.04 -14.30 18.68
C LEU A 132 -6.29 -13.72 18.02
N ASN A 133 -7.28 -13.38 18.84
CA ASN A 133 -8.52 -12.82 18.38
C ASN A 133 -8.80 -11.59 19.21
N LEU A 134 -8.97 -10.45 18.58
CA LEU A 134 -9.21 -9.21 19.28
C LEU A 134 -10.65 -8.86 19.03
N VAL A 135 -11.43 -8.67 20.09
CA VAL A 135 -12.82 -8.36 19.93
C VAL A 135 -12.90 -6.90 20.16
N LEU A 136 -13.30 -6.17 19.12
CA LEU A 136 -13.18 -4.72 19.06
C LEU A 136 -14.53 -4.06 18.78
N ASP A 137 -14.69 -2.78 19.11
CA ASP A 137 -15.92 -2.06 18.68
C ASP A 137 -16.13 -2.22 17.15
N TYR A 138 -17.40 -2.43 16.75
CA TYR A 138 -17.83 -2.32 15.38
C TYR A 138 -18.45 -0.96 15.16
N VAL A 139 -17.99 -0.27 14.12
CA VAL A 139 -18.56 0.99 13.70
C VAL A 139 -18.72 0.91 12.19
N PRO A 140 -19.87 1.37 11.69
CA PRO A 140 -20.17 1.02 10.26
C PRO A 140 -19.45 1.89 9.19
N GLU A 141 -19.02 3.09 9.59
CA GLU A 141 -18.36 4.02 8.69
C GLU A 141 -17.01 4.46 9.17
N THR A 142 -16.29 5.08 8.22
CA THR A 142 -15.02 5.77 8.45
C THR A 142 -15.02 7.17 7.85
N VAL A 143 -14.08 7.99 8.31
CA VAL A 143 -13.93 9.32 7.82
C VAL A 143 -13.60 9.16 6.34
N TYR A 144 -12.80 8.16 5.97
CA TYR A 144 -12.46 8.03 4.54
C TYR A 144 -13.73 7.86 3.72
N ARG A 145 -14.61 6.99 4.16
CA ARG A 145 -15.77 6.68 3.32
C ARG A 145 -16.68 7.89 3.19
N VAL A 146 -16.84 8.60 4.31
CA VAL A 146 -17.71 9.74 4.36
C VAL A 146 -17.15 10.86 3.49
N ALA A 147 -15.86 11.11 3.61
CA ALA A 147 -15.23 12.12 2.79
C ALA A 147 -15.34 11.79 1.31
N ARG A 148 -15.16 10.53 0.94
CA ARG A 148 -15.24 10.10 -0.44
C ARG A 148 -16.63 10.34 -0.99
N HIS A 149 -17.64 10.12 -0.18
CA HIS A 149 -19.03 10.34 -0.58
C HIS A 149 -19.24 11.81 -1.00
N TYR A 150 -18.73 12.73 -0.18
CA TYR A 150 -18.74 14.15 -0.52
C TYR A 150 -17.97 14.57 -1.76
N SER A 151 -16.70 14.19 -1.80
CA SER A 151 -15.80 14.45 -2.92
C SER A 151 -16.33 13.97 -4.32
N ARG A 152 -16.84 12.74 -4.41
CA ARG A 152 -17.42 12.21 -5.65
C ARG A 152 -18.59 13.07 -6.11
N ALA A 153 -19.40 13.54 -5.16
CA ALA A 153 -20.40 14.58 -5.45
C ALA A 153 -19.84 16.01 -5.63
N LYS A 154 -18.53 16.16 -5.77
CA LYS A 154 -17.91 17.47 -5.91
C LYS A 154 -18.37 18.42 -4.80
N GLN A 155 -18.41 17.92 -3.57
CA GLN A 155 -18.82 18.70 -2.41
C GLN A 155 -17.82 18.69 -1.28
N THR A 156 -18.04 19.65 -0.40
CA THR A 156 -17.15 19.94 0.70
C THR A 156 -17.83 19.48 1.97
N LEU A 157 -17.10 18.75 2.80
CA LEU A 157 -17.62 18.38 4.09
C LEU A 157 -17.82 19.64 4.94
N PRO A 158 -19.03 19.87 5.46
CA PRO A 158 -19.21 21.08 6.27
C PRO A 158 -18.15 21.19 7.37
N VAL A 159 -17.73 22.40 7.58
CA VAL A 159 -16.61 22.67 8.43
C VAL A 159 -16.92 22.23 9.86
N ILE A 160 -18.16 22.29 10.27
CA ILE A 160 -18.48 21.84 11.62
C ILE A 160 -18.11 20.38 11.82
N TYR A 161 -18.28 19.55 10.77
CA TYR A 161 -17.88 18.14 10.87
C TYR A 161 -16.34 17.98 10.87
N VAL A 162 -15.68 18.82 10.12
CA VAL A 162 -14.25 18.83 10.08
C VAL A 162 -13.78 19.18 11.48
N LYS A 163 -14.43 20.16 12.11
CA LYS A 163 -14.07 20.48 13.48
C LYS A 163 -14.28 19.33 14.42
N LEU A 164 -15.47 18.77 14.41
CA LEU A 164 -15.79 17.66 15.30
C LEU A 164 -14.80 16.50 15.23
N TYR A 165 -14.46 16.13 13.98
CA TYR A 165 -13.62 14.96 13.69
C TYR A 165 -12.18 15.20 14.05
N MET A 166 -11.64 16.32 13.60
CA MET A 166 -10.27 16.68 13.96
C MET A 166 -10.06 16.79 15.47
N TYR A 167 -10.94 17.51 16.15
CA TYR A 167 -10.85 17.65 17.62
C TYR A 167 -10.74 16.30 18.31
N GLN A 168 -11.53 15.35 17.88
CA GLN A 168 -11.61 14.05 18.49
C GLN A 168 -10.36 13.21 18.19
N LEU A 169 -9.82 13.37 16.97
CA LEU A 169 -8.58 12.73 16.62
C LEU A 169 -7.43 13.30 17.45
N PHE A 170 -7.44 14.61 17.66
CA PHE A 170 -6.40 15.25 18.47
C PHE A 170 -6.43 14.76 19.90
N ARG A 171 -7.63 14.59 20.46
CA ARG A 171 -7.73 13.99 21.78
C ARG A 171 -7.24 12.59 21.87
N SER A 172 -7.50 11.78 20.86
CA SER A 172 -7.08 10.37 20.92
C SER A 172 -5.58 10.31 20.88
N LEU A 173 -5.03 11.20 20.08
CA LEU A 173 -3.58 11.38 19.99
C LEU A 173 -2.90 11.87 21.27
N ALA A 174 -3.48 12.88 21.90
CA ALA A 174 -2.99 13.33 23.19
C ALA A 174 -2.94 12.15 24.12
N TYR A 175 -4.01 11.38 24.12
CA TYR A 175 -4.11 10.26 25.04
C TYR A 175 -3.08 9.17 24.79
N ILE A 176 -2.95 8.71 23.55
CA ILE A 176 -1.95 7.65 23.30
C ILE A 176 -0.53 8.16 23.50
N HIS A 177 -0.30 9.43 23.15
CA HIS A 177 1.04 10.02 23.24
C HIS A 177 1.49 10.11 24.70
N SER A 178 0.54 10.35 25.59
CA SER A 178 0.83 10.43 27.01
C SER A 178 1.39 9.13 27.60
N PHE A 179 1.28 8.00 26.89
CA PHE A 179 1.86 6.72 27.27
C PHE A 179 3.11 6.41 26.49
N GLY A 180 3.59 7.34 25.65
CA GLY A 180 4.71 7.03 24.77
C GLY A 180 4.37 6.28 23.49
N ILE A 181 3.09 5.98 23.28
CA ILE A 181 2.62 5.25 22.10
C ILE A 181 2.40 6.16 20.91
N CYS A 182 3.01 5.84 19.78
CA CYS A 182 2.79 6.55 18.54
C CYS A 182 2.08 5.57 17.58
N HIS A 183 1.02 6.06 16.94
CA HIS A 183 0.13 5.21 16.17
C HIS A 183 0.78 4.77 14.88
N ARG A 184 1.38 5.75 14.18
CA ARG A 184 2.16 5.59 12.95
C ARG A 184 1.42 5.14 11.74
N ASP A 185 0.12 5.37 11.78
CA ASP A 185 -0.71 5.10 10.64
C ASP A 185 -2.02 5.92 10.66
N ILE A 186 -1.83 7.18 10.99
CA ILE A 186 -2.92 8.08 11.00
C ILE A 186 -3.26 8.37 9.57
N LYS A 187 -4.46 7.98 9.22
CA LYS A 187 -5.03 8.30 7.90
C LYS A 187 -6.60 8.19 8.03
N PRO A 188 -7.33 8.78 7.09
CA PRO A 188 -8.81 8.78 7.17
C PRO A 188 -9.42 7.38 7.25
N GLN A 189 -8.77 6.38 6.66
CA GLN A 189 -9.24 5.03 6.78
C GLN A 189 -9.23 4.40 8.17
N ASN A 190 -8.44 4.94 9.08
CA ASN A 190 -8.29 4.43 10.44
C ASN A 190 -9.05 5.31 11.45
N LEU A 191 -10.02 6.06 10.95
CA LEU A 191 -10.90 6.87 11.73
C LEU A 191 -12.36 6.39 11.59
N LEU A 192 -12.74 5.52 12.51
CA LEU A 192 -14.11 5.06 12.63
C LEU A 192 -15.02 6.22 13.01
N LEU A 193 -16.24 6.14 12.49
CA LEU A 193 -17.15 7.29 12.51
C LEU A 193 -18.58 6.78 12.52
N ASP A 194 -19.30 7.08 13.59
CA ASP A 194 -20.74 6.84 13.66
C ASP A 194 -21.41 8.03 13.04
N PRO A 195 -21.98 7.85 11.86
CA PRO A 195 -22.45 9.05 11.15
C PRO A 195 -23.59 9.86 11.88
N ASP A 196 -24.35 9.23 12.77
CA ASP A 196 -25.43 9.89 13.51
C ASP A 196 -25.01 10.65 14.75
N THR A 197 -24.10 10.07 15.54
CA THR A 197 -23.62 10.75 16.75
C THR A 197 -22.39 11.61 16.52
N ALA A 198 -21.75 11.40 15.37
CA ALA A 198 -20.50 12.05 15.06
C ALA A 198 -19.37 11.72 16.04
N VAL A 199 -19.40 10.55 16.68
CA VAL A 199 -18.21 10.14 17.44
C VAL A 199 -17.25 9.40 16.52
N LEU A 200 -15.99 9.75 16.73
CA LEU A 200 -14.87 9.24 15.97
C LEU A 200 -14.06 8.41 16.89
N LYS A 201 -13.58 7.29 16.41
CA LYS A 201 -12.62 6.43 17.13
C LYS A 201 -11.43 6.06 16.24
N LEU A 202 -10.24 6.31 16.78
CA LEU A 202 -9.01 5.88 16.15
C LEU A 202 -8.97 4.36 16.21
N CYS A 203 -8.62 3.68 15.13
CA CYS A 203 -8.50 2.24 15.17
C CYS A 203 -7.27 1.83 14.40
N ASP A 204 -7.05 0.52 14.33
CA ASP A 204 -5.90 -0.10 13.72
C ASP A 204 -4.57 0.35 14.30
N PHE A 205 -4.28 -0.25 15.42
CA PHE A 205 -3.03 -0.08 16.08
C PHE A 205 -1.98 -1.12 15.63
N GLY A 206 -2.16 -1.77 14.47
CA GLY A 206 -1.17 -2.74 13.96
C GLY A 206 0.23 -2.21 13.61
N SER A 207 0.35 -0.90 13.41
CA SER A 207 1.64 -0.23 13.24
C SER A 207 2.09 0.53 14.50
N ALA A 208 1.34 0.49 15.58
CA ALA A 208 1.61 1.37 16.70
C ALA A 208 2.80 0.85 17.50
N LYS A 209 3.42 1.72 18.28
CA LYS A 209 4.60 1.34 19.00
C LYS A 209 4.97 2.35 20.06
N GLN A 210 5.36 1.86 21.26
CA GLN A 210 6.01 2.68 22.30
C GLN A 210 7.33 3.27 21.82
N LEU A 211 7.41 4.58 21.72
CA LEU A 211 8.67 5.17 21.32
C LEU A 211 9.51 5.47 22.56
N VAL A 212 10.74 4.98 22.54
CA VAL A 212 11.73 5.20 23.58
C VAL A 212 12.91 6.00 22.99
N ARG A 213 13.26 7.09 23.65
CA ARG A 213 14.43 7.90 23.21
C ARG A 213 15.67 7.01 23.11
N GLY A 214 16.31 7.04 21.94
CA GLY A 214 17.53 6.28 21.72
C GLY A 214 17.38 4.92 21.08
N GLU A 215 16.21 4.31 21.18
CA GLU A 215 15.97 3.09 20.41
C GLU A 215 15.52 3.51 19.00
N PRO A 216 16.28 3.12 17.96
CA PRO A 216 15.88 3.53 16.61
C PRO A 216 14.62 2.83 16.14
N ASN A 217 13.93 3.41 15.16
CA ASN A 217 12.69 2.86 14.64
C ASN A 217 12.69 2.94 13.13
N VAL A 218 11.84 2.15 12.53
CA VAL A 218 11.84 1.97 11.08
C VAL A 218 11.32 3.27 10.41
N SER A 219 11.99 3.69 9.35
CA SER A 219 11.60 4.88 8.56
C SER A 219 10.37 4.73 7.71
N ILE A 221 7.29 3.93 6.97
CA ILE A 221 6.19 3.64 7.87
C ILE A 221 5.17 4.75 7.60
N CYS A 222 3.92 4.55 8.04
CA CYS A 222 2.71 5.34 7.67
C CYS A 222 2.33 5.11 6.25
N SER A 223 1.08 5.45 5.90
CA SER A 223 0.70 5.57 4.50
C SER A 223 1.28 6.82 3.88
N ARG A 224 1.64 6.65 2.61
CA ARG A 224 2.52 7.53 1.90
C ARG A 224 2.02 8.96 1.99
N TYR A 225 0.76 9.19 1.62
CA TYR A 225 0.28 10.55 1.57
C TYR A 225 0.33 11.29 2.92
N TYR A 226 0.30 10.50 4.02
CA TYR A 226 0.26 11.01 5.41
C TYR A 226 1.64 10.96 6.11
N ARG A 227 2.65 10.47 5.37
CA ARG A 227 3.99 10.23 5.91
C ARG A 227 4.72 11.56 6.14
N ALA A 228 5.18 11.74 7.37
CA ALA A 228 5.99 12.89 7.76
C ALA A 228 7.30 13.00 7.02
N PRO A 229 7.73 14.22 6.76
CA PRO A 229 8.96 14.38 5.95
C PRO A 229 10.23 13.83 6.62
N GLU A 230 10.33 13.87 7.95
CA GLU A 230 11.41 13.11 8.68
C GLU A 230 11.64 11.71 8.08
N LEU A 231 10.52 11.01 7.92
CA LEU A 231 10.49 9.61 7.59
C LEU A 231 10.93 9.50 6.16
N ILE A 232 10.46 10.40 5.32
CA ILE A 232 10.86 10.39 3.94
C ILE A 232 12.40 10.56 3.88
N PHE A 233 12.96 11.33 4.80
CA PHE A 233 14.41 11.59 4.87
C PHE A 233 15.19 10.49 5.64
N GLY A 234 14.60 9.32 5.83
CA GLY A 234 15.29 8.22 6.50
C GLY A 234 15.46 8.38 8.01
N ALA A 235 14.81 9.35 8.62
CA ALA A 235 14.94 9.48 10.07
C ALA A 235 14.59 8.17 10.79
N THR A 236 15.34 7.91 11.83
CA THR A 236 15.19 6.74 12.68
C THR A 236 14.96 7.11 14.17
N ASP A 237 15.19 8.37 14.53
CA ASP A 237 15.12 8.92 15.88
C ASP A 237 13.83 9.77 16.06
N TYR A 238 12.83 9.47 15.25
CA TYR A 238 11.63 10.30 15.17
C TYR A 238 10.76 10.11 16.37
N THR A 239 9.90 11.09 16.62
CA THR A 239 9.00 11.13 17.80
C THR A 239 7.55 10.97 17.38
N SER A 240 6.70 11.04 18.38
CA SER A 240 5.29 10.94 18.15
C SER A 240 4.69 12.14 17.40
N SER A 241 5.45 13.21 17.23
CA SER A 241 5.06 14.30 16.32
C SER A 241 4.87 13.87 14.80
N ILE A 242 5.26 12.68 14.39
CA ILE A 242 4.86 12.21 13.05
C ILE A 242 3.34 12.04 12.91
N ASP A 243 2.69 11.66 14.02
CA ASP A 243 1.24 11.46 14.06
C ASP A 243 0.51 12.76 13.80
N VAL A 244 1.10 13.85 14.29
CA VAL A 244 0.58 15.18 14.13
C VAL A 244 0.73 15.73 12.71
N TRP A 245 1.86 15.42 12.08
CA TRP A 245 2.01 15.74 10.67
C TRP A 245 0.86 15.00 9.93
N SER A 246 0.64 13.74 10.26
CA SER A 246 -0.38 12.94 9.55
C SER A 246 -1.77 13.52 9.75
N ALA A 247 -2.03 13.95 10.99
CA ALA A 247 -3.25 14.66 11.38
C ALA A 247 -3.40 15.93 10.59
N GLY A 248 -2.34 16.70 10.49
CA GLY A 248 -2.33 17.81 9.54
C GLY A 248 -2.81 17.47 8.16
N CYS A 249 -2.30 16.37 7.61
CA CYS A 249 -2.66 15.98 6.26
C CYS A 249 -4.16 15.62 6.18
N VAL A 250 -4.66 14.98 7.22
CA VAL A 250 -6.07 14.65 7.29
C VAL A 250 -6.93 15.94 7.29
N LEU A 251 -6.63 16.90 8.16
CA LEU A 251 -7.25 18.22 8.12
C LEU A 251 -7.23 18.81 6.69
N ALA A 252 -6.06 18.93 6.11
CA ALA A 252 -5.94 19.50 4.80
C ALA A 252 -6.82 18.75 3.81
N GLU A 253 -6.82 17.43 3.86
CA GLU A 253 -7.64 16.64 2.93
C GLU A 253 -9.10 16.91 3.11
N LEU A 254 -9.58 17.06 4.35
CA LEU A 254 -11.00 17.36 4.59
C LEU A 254 -11.40 18.74 4.11
N LEU A 255 -10.51 19.71 4.22
CA LEU A 255 -10.74 21.02 3.63
C LEU A 255 -10.56 21.03 2.11
N LEU A 256 -9.55 20.38 1.55
CA LEU A 256 -9.41 20.37 0.07
C LEU A 256 -10.43 19.50 -0.67
N GLY A 257 -11.02 18.50 -0.01
CA GLY A 257 -11.74 17.44 -0.73
C GLY A 257 -10.85 16.47 -1.50
N GLN A 258 -9.54 16.48 -1.23
CA GLN A 258 -8.60 15.48 -1.75
C GLN A 258 -7.28 15.49 -0.99
N PRO A 259 -6.46 14.45 -1.13
CA PRO A 259 -5.18 14.48 -0.40
C PRO A 259 -4.32 15.67 -0.79
N ILE A 260 -3.77 16.36 0.20
CA ILE A 260 -2.88 17.52 -0.08
C ILE A 260 -1.54 17.15 -0.70
N PHE A 261 -1.03 15.95 -0.42
CA PHE A 261 0.27 15.50 -0.92
C PHE A 261 0.13 14.09 -1.60
N PRO A 262 -0.42 14.05 -2.79
CA PRO A 262 -0.71 12.80 -3.49
C PRO A 262 0.49 12.31 -4.26
N GLY A 263 1.36 11.61 -3.56
CA GLY A 263 2.64 11.24 -4.11
C GLY A 263 2.51 10.06 -5.04
N ASP A 264 3.13 10.18 -6.21
CA ASP A 264 3.29 9.05 -7.12
C ASP A 264 4.11 7.90 -6.59
N SER A 265 4.94 8.15 -5.59
CA SER A 265 5.95 7.20 -5.20
C SER A 265 6.50 7.72 -3.91
N GLY A 266 7.21 6.89 -3.18
CA GLY A 266 7.83 7.34 -1.93
C GLY A 266 8.75 8.56 -2.02
N VAL A 267 9.52 8.71 -3.10
CA VAL A 267 10.40 9.89 -3.21
C VAL A 267 9.62 11.05 -3.74
N ASP A 268 8.68 10.78 -4.66
CA ASP A 268 7.84 11.82 -5.20
C ASP A 268 6.94 12.50 -4.13
N GLN A 269 6.78 11.84 -2.99
CA GLN A 269 5.96 12.33 -1.91
C GLN A 269 6.62 13.58 -1.39
N LEU A 270 7.94 13.54 -1.25
CA LEU A 270 8.66 14.78 -0.91
C LEU A 270 8.38 15.91 -1.92
N VAL A 271 8.33 15.58 -3.19
CA VAL A 271 8.17 16.62 -4.21
C VAL A 271 6.84 17.32 -3.99
N GLU A 272 5.81 16.53 -3.70
CA GLU A 272 4.49 17.08 -3.45
C GLU A 272 4.53 17.99 -2.21
N ILE A 273 5.23 17.57 -1.18
CA ILE A 273 5.40 18.44 0.00
C ILE A 273 6.06 19.79 -0.37
N ILE A 274 7.13 19.74 -1.18
CA ILE A 274 7.92 20.93 -1.57
C ILE A 274 7.06 21.94 -2.36
N LYS A 275 6.19 21.45 -3.23
CA LYS A 275 5.24 22.29 -3.92
C LYS A 275 4.42 23.20 -3.00
N VAL A 276 4.33 22.89 -1.71
CA VAL A 276 3.64 23.82 -0.81
C VAL A 276 4.53 24.40 0.21
N LEU A 277 5.31 23.58 0.91
CA LEU A 277 6.12 24.12 1.96
C LEU A 277 7.38 24.77 1.42
N GLY A 278 7.67 24.58 0.13
CA GLY A 278 8.95 24.94 -0.43
C GLY A 278 10.02 23.96 0.02
N THR A 279 11.26 24.22 -0.38
CA THR A 279 12.36 23.35 0.02
C THR A 279 12.65 23.60 1.47
N PRO A 280 13.08 22.54 2.18
CA PRO A 280 13.40 22.77 3.55
C PRO A 280 14.78 23.33 3.61
N THR A 281 15.07 24.07 4.68
CA THR A 281 16.38 24.65 4.88
C THR A 281 17.28 23.54 5.34
N ARG A 282 18.55 23.71 5.06
CA ARG A 282 19.64 22.98 5.67
C ARG A 282 19.36 22.68 7.13
N GLU A 283 18.92 23.69 7.90
CA GLU A 283 18.67 23.46 9.36
C GLU A 283 17.40 22.63 9.64
N GLN A 284 16.39 22.78 8.78
CA GLN A 284 15.19 21.92 8.83
C GLN A 284 15.55 20.46 8.52
N ILE A 285 16.42 20.27 7.53
CA ILE A 285 16.87 18.94 7.19
C ILE A 285 17.55 18.24 8.32
N ARG A 286 18.37 18.96 9.07
CA ARG A 286 19.09 18.43 10.20
C ARG A 286 18.13 18.13 11.36
N GLU A 287 17.15 19.00 11.56
CA GLU A 287 16.12 18.76 12.59
C GLU A 287 15.24 17.51 12.25
N MET A 288 14.97 17.33 10.97
CA MET A 288 14.29 16.13 10.51
C MET A 288 15.16 14.90 10.60
N ASN A 289 16.35 14.94 10.01
CA ASN A 289 17.29 13.80 10.12
C ASN A 289 18.73 14.27 10.25
N PRO A 290 19.28 14.24 11.50
CA PRO A 290 20.69 14.55 11.73
C PRO A 290 21.71 13.82 10.83
N ASN A 291 21.39 12.63 10.29
CA ASN A 291 22.38 11.89 9.45
C ASN A 291 22.39 12.30 8.00
N TYR A 292 21.46 13.15 7.60
CA TYR A 292 21.25 13.42 6.18
C TYR A 292 22.13 14.59 5.73
N THR A 293 23.04 14.29 4.81
CA THR A 293 24.19 15.12 4.54
C THR A 293 24.14 15.70 3.14
N GLU A 294 24.23 14.83 2.14
CA GLU A 294 24.29 15.27 0.75
C GLU A 294 22.90 15.78 0.44
N PHE A 295 22.67 17.05 0.73
CA PHE A 295 21.39 17.71 0.52
C PHE A 295 21.58 18.66 -0.66
N LYS A 296 21.54 18.10 -1.87
CA LYS A 296 21.82 18.84 -3.12
C LYS A 296 20.51 19.15 -3.82
N PHE A 297 20.09 20.41 -3.79
CA PHE A 297 18.73 20.75 -4.23
C PHE A 297 18.54 22.23 -4.61
N PRO A 298 17.57 22.50 -5.52
CA PRO A 298 17.31 23.89 -5.89
C PRO A 298 16.30 24.51 -4.91
N GLN A 299 16.66 25.60 -4.21
CA GLN A 299 15.77 26.23 -3.21
C GLN A 299 14.48 26.77 -3.86
N ILE A 300 13.33 26.30 -3.34
CA ILE A 300 12.01 26.59 -3.86
C ILE A 300 11.22 27.30 -2.76
N LYS A 301 10.45 28.32 -3.16
CA LYS A 301 9.71 29.15 -2.23
C LYS A 301 8.46 28.39 -1.81
N ALA A 302 8.11 28.49 -0.53
CA ALA A 302 6.76 28.06 -0.13
C ALA A 302 5.73 28.76 -0.99
N HIS A 303 4.64 28.06 -1.26
CA HIS A 303 3.41 28.61 -1.80
C HIS A 303 2.65 29.17 -0.58
N PRO A 304 2.13 30.40 -0.66
CA PRO A 304 1.41 30.87 0.56
C PRO A 304 0.14 30.05 0.95
N TRP A 305 0.07 29.73 2.24
CA TRP A 305 -0.98 28.85 2.78
C TRP A 305 -2.41 29.21 2.35
N THR A 306 -2.73 30.49 2.23
CA THR A 306 -4.12 30.90 1.93
C THR A 306 -4.50 30.51 0.50
N LYS A 307 -3.56 30.65 -0.42
CA LYS A 307 -3.78 30.16 -1.78
C LYS A 307 -3.72 28.63 -1.94
N VAL A 308 -3.32 27.87 -0.91
CA VAL A 308 -3.40 26.40 -0.96
C VAL A 308 -4.86 25.96 -0.93
N PHE A 309 -5.69 26.61 -0.12
CA PHE A 309 -7.08 26.18 0.01
C PHE A 309 -8.07 27.03 -0.79
N ARG A 310 -9.27 26.48 -0.96
CA ARG A 310 -10.39 27.15 -1.64
C ARG A 310 -10.63 28.56 -1.05
N PRO A 311 -11.10 29.50 -1.90
CA PRO A 311 -11.33 30.88 -1.54
C PRO A 311 -11.93 31.13 -0.16
N ARG A 312 -13.05 30.55 0.19
CA ARG A 312 -13.67 30.90 1.49
C ARG A 312 -13.34 30.02 2.73
N THR A 313 -12.28 29.22 2.67
CA THR A 313 -11.81 28.42 3.81
C THR A 313 -11.58 29.30 5.07
N PRO A 314 -12.07 28.88 6.24
CA PRO A 314 -11.88 29.77 7.41
C PRO A 314 -10.43 29.95 7.76
N PRO A 315 -10.03 31.21 8.02
CA PRO A 315 -8.61 31.48 8.33
C PRO A 315 -8.04 30.74 9.57
N GLU A 316 -8.87 30.49 10.57
CA GLU A 316 -8.46 29.70 11.73
C GLU A 316 -8.11 28.26 11.32
N ALA A 317 -8.79 27.73 10.30
CA ALA A 317 -8.44 26.41 9.82
C ALA A 317 -7.05 26.39 9.17
N ILE A 318 -6.77 27.41 8.36
CA ILE A 318 -5.51 27.48 7.64
C ILE A 318 -4.36 27.68 8.61
N ALA A 319 -4.59 28.53 9.60
CA ALA A 319 -3.59 28.79 10.60
C ALA A 319 -3.28 27.53 11.40
N LEU A 320 -4.30 26.71 11.67
CA LEU A 320 -4.09 25.44 12.34
C LEU A 320 -3.22 24.51 11.49
N CYS A 321 -3.60 24.33 10.25
CA CYS A 321 -2.74 23.63 9.31
C CYS A 321 -1.28 24.01 9.29
N SER A 322 -1.02 25.30 9.14
CA SER A 322 0.34 25.78 9.10
C SER A 322 1.17 25.37 10.34
N ARG A 323 0.53 25.17 11.49
CA ARG A 323 1.27 24.80 12.68
C ARG A 323 1.36 23.31 12.94
N LEU A 324 0.75 22.54 12.05
CA LEU A 324 0.84 21.08 11.99
C LEU A 324 1.79 20.63 10.88
N LEU A 325 1.64 21.17 9.67
CA LEU A 325 2.51 20.80 8.54
C LEU A 325 3.75 21.68 8.45
N GLU A 326 4.65 21.42 9.36
CA GLU A 326 5.91 22.12 9.53
C GLU A 326 6.99 21.07 9.40
N TYR A 327 8.03 21.41 8.68
CA TYR A 327 9.15 20.50 8.48
C TYR A 327 9.74 20.11 9.80
N THR A 328 9.91 21.11 10.68
CA THR A 328 10.68 20.97 11.87
C THR A 328 9.76 20.28 12.83
N PRO A 329 10.16 19.07 13.25
CA PRO A 329 9.18 18.27 13.97
C PRO A 329 8.76 18.89 15.26
N THR A 330 9.67 19.56 15.96
CA THR A 330 9.38 20.17 17.27
C THR A 330 8.55 21.42 17.15
N ALA A 331 8.52 22.04 15.97
CA ALA A 331 7.68 23.22 15.79
C ALA A 331 6.18 22.92 15.77
N ARG A 332 5.82 21.69 15.42
CA ARG A 332 4.39 21.31 15.26
C ARG A 332 3.74 21.33 16.64
N LEU A 333 2.49 21.70 16.67
CA LEU A 333 1.67 21.68 17.88
C LEU A 333 1.67 20.32 18.40
N THR A 334 1.44 20.21 19.71
CA THR A 334 1.08 18.95 20.35
C THR A 334 -0.43 18.71 20.17
N PRO A 335 -0.85 17.46 20.34
CA PRO A 335 -2.29 17.21 20.16
C PRO A 335 -3.15 18.04 21.08
N LEU A 336 -2.74 18.11 22.33
CA LEU A 336 -3.43 18.91 23.34
C LEU A 336 -3.53 20.37 23.00
N GLU A 337 -2.47 20.93 22.43
CA GLU A 337 -2.47 22.31 21.97
C GLU A 337 -3.35 22.47 20.77
N ALA A 338 -3.31 21.50 19.86
CA ALA A 338 -4.15 21.54 18.66
C ALA A 338 -5.61 21.60 19.09
N CYS A 339 -6.00 20.74 20.02
CA CYS A 339 -7.32 20.78 20.64
C CYS A 339 -7.73 22.14 21.19
N ALA A 340 -6.76 22.87 21.77
CA ALA A 340 -7.03 24.21 22.32
C ALA A 340 -7.05 25.33 21.29
N HIS A 341 -6.79 25.01 20.03
CA HIS A 341 -6.74 26.01 18.99
C HIS A 341 -8.11 26.61 18.68
N SER A 342 -8.12 27.88 18.31
CA SER A 342 -9.36 28.66 18.12
C SER A 342 -10.23 28.17 16.95
N PHE A 343 -9.65 27.48 15.99
CA PHE A 343 -10.42 26.68 15.05
C PHE A 343 -11.51 25.84 15.72
N PHE A 344 -11.23 25.32 16.90
CA PHE A 344 -12.23 24.52 17.63
C PHE A 344 -13.14 25.28 18.63
N ASP A 345 -13.10 26.61 18.60
CA ASP A 345 -13.87 27.43 19.57
C ASP A 345 -15.37 27.17 19.48
N GLU A 346 -15.92 27.12 18.26
CA GLU A 346 -17.32 26.73 18.06
C GLU A 346 -17.76 25.51 18.88
N LEU A 347 -16.89 24.51 19.03
CA LEU A 347 -17.22 23.30 19.80
C LEU A 347 -17.34 23.57 21.31
N ARG A 348 -16.68 24.62 21.79
CA ARG A 348 -16.76 25.07 23.17
C ARG A 348 -17.89 26.08 23.50
N ASP A 349 -18.63 26.53 22.47
CA ASP A 349 -19.90 27.25 22.63
C ASP A 349 -20.89 26.40 23.43
N PRO A 350 -21.59 27.00 24.43
CA PRO A 350 -22.68 26.26 25.14
C PRO A 350 -23.88 25.89 24.27
N ASN A 351 -24.19 26.68 23.24
CA ASN A 351 -25.37 26.43 22.41
C ASN A 351 -25.17 25.56 21.17
N VAL A 352 -23.93 25.15 20.90
CA VAL A 352 -23.57 24.37 19.70
C VAL A 352 -24.40 23.08 19.61
N LYS A 353 -24.74 22.68 18.38
CA LYS A 353 -25.48 21.45 18.07
C LYS A 353 -24.96 20.75 16.79
N LEU A 354 -25.23 19.46 16.66
CA LEU A 354 -25.03 18.76 15.39
C LEU A 354 -26.02 19.28 14.37
N PRO A 355 -25.63 19.29 13.09
CA PRO A 355 -26.61 19.71 12.10
C PRO A 355 -27.87 18.88 12.08
N ASN A 356 -27.81 17.63 12.53
CA ASN A 356 -29.03 16.80 12.63
C ASN A 356 -29.88 17.12 13.84
N GLY A 357 -29.52 18.17 14.57
CA GLY A 357 -30.29 18.68 15.68
C GLY A 357 -29.84 18.21 17.06
N ARG A 358 -29.15 17.06 17.13
CA ARG A 358 -28.74 16.48 18.42
C ARG A 358 -27.60 17.22 19.14
N ASP A 359 -27.30 16.80 20.36
CA ASP A 359 -26.14 17.32 21.07
C ASP A 359 -24.89 16.74 20.46
N THR A 360 -23.80 17.48 20.55
CA THR A 360 -22.48 16.99 20.20
C THR A 360 -22.16 15.82 21.09
N PRO A 361 -21.23 14.95 20.67
CA PRO A 361 -20.75 13.91 21.60
C PRO A 361 -19.87 14.51 22.73
N ALA A 362 -19.43 13.66 23.65
CA ALA A 362 -18.60 14.13 24.77
C ALA A 362 -17.31 14.79 24.24
N LEU A 363 -17.02 16.01 24.65
CA LEU A 363 -15.80 16.71 24.19
C LEU A 363 -14.89 17.19 25.30
N PHE A 364 -15.39 17.07 26.53
CA PHE A 364 -14.83 17.76 27.67
C PHE A 364 -14.56 16.86 28.87
N ASN A 365 -14.86 15.58 28.75
CA ASN A 365 -14.52 14.58 29.74
C ASN A 365 -13.01 14.22 29.75
N PHE A 366 -12.13 15.20 29.94
CA PHE A 366 -10.67 14.89 30.00
C PHE A 366 -10.30 14.20 31.30
N THR A 367 -9.29 13.34 31.25
CA THR A 367 -8.68 12.82 32.47
C THR A 367 -7.36 13.54 32.68
N THR A 368 -6.75 13.36 33.85
CA THR A 368 -5.49 14.01 34.14
C THR A 368 -4.34 13.36 33.33
N GLN A 369 -4.47 12.08 33.00
CA GLN A 369 -3.57 11.41 32.06
C GLN A 369 -3.49 12.18 30.71
N GLU A 370 -4.66 12.34 30.10
CA GLU A 370 -4.81 13.05 28.84
C GLU A 370 -4.24 14.48 28.86
N LEU A 371 -4.46 15.16 29.99
CA LEU A 371 -3.96 16.51 30.19
C LEU A 371 -2.50 16.61 30.68
N SER A 372 -1.85 15.48 30.93
CA SER A 372 -0.57 15.50 31.64
C SER A 372 0.53 16.31 30.97
N SER A 373 0.55 16.42 29.63
CA SER A 373 1.62 17.18 28.92
C SER A 373 1.55 18.68 29.19
N ASN A 374 0.37 19.20 29.51
CA ASN A 374 0.24 20.61 29.80
C ASN A 374 -1.07 20.88 30.53
N PRO A 375 -1.14 20.50 31.83
CA PRO A 375 -2.36 20.66 32.67
C PRO A 375 -3.11 22.02 32.67
N PRO A 376 -2.39 23.16 32.57
CA PRO A 376 -3.09 24.45 32.45
C PRO A 376 -3.97 24.63 31.21
N LEU A 377 -3.69 23.88 30.15
CA LEU A 377 -4.54 23.96 28.96
C LEU A 377 -6.00 23.70 29.28
N ALA A 378 -6.27 23.00 30.39
CA ALA A 378 -7.61 22.75 30.93
C ALA A 378 -8.55 23.97 31.00
N THR A 379 -7.98 25.15 31.23
CA THR A 379 -8.78 26.34 31.39
C THR A 379 -9.45 26.74 30.05
N ILE A 380 -8.77 26.51 28.92
CA ILE A 380 -9.39 26.67 27.60
C ILE A 380 -10.23 25.48 27.23
N LEU A 381 -9.63 24.31 27.34
CA LEU A 381 -10.26 23.05 26.91
C LEU A 381 -11.54 22.66 27.65
N ILE A 382 -11.62 22.95 28.94
CA ILE A 382 -12.86 22.75 29.69
C ILE A 382 -13.47 24.12 29.96
N PRO A 383 -14.44 24.51 29.13
CA PRO A 383 -15.00 25.86 29.22
C PRO A 383 -15.97 25.99 30.42
N PRO A 384 -16.37 27.25 30.76
CA PRO A 384 -17.24 27.53 31.91
C PRO A 384 -18.37 26.54 32.09
N HIS A 385 -19.24 26.44 31.09
CA HIS A 385 -20.51 25.70 31.22
C HIS A 385 -20.41 24.21 31.54
N ALA A 386 -19.26 23.60 31.30
CA ALA A 386 -19.11 22.14 31.43
C ALA A 386 -18.40 21.65 32.69
N ARG A 387 -18.62 22.28 33.84
CA ARG A 387 -18.19 21.68 35.14
C ARG A 387 -19.29 21.73 36.22
N ILE A 388 -20.54 21.77 35.76
CA ILE A 388 -21.75 21.67 36.60
C ILE A 388 -22.97 21.48 35.69
N SER B 39 33.20 13.32 -9.63
CA SER B 39 33.04 13.64 -8.17
C SER B 39 33.61 12.49 -7.31
N LYS B 40 33.06 12.31 -6.10
CA LYS B 40 33.34 11.16 -5.24
C LYS B 40 33.24 9.77 -5.98
N VAL B 41 34.29 8.97 -5.86
CA VAL B 41 34.37 7.65 -6.49
C VAL B 41 34.36 6.62 -5.41
N THR B 42 33.45 5.64 -5.51
CA THR B 42 33.32 4.58 -4.51
C THR B 42 33.77 3.32 -5.21
N THR B 43 34.52 2.52 -4.48
CA THR B 43 35.00 1.25 -5.00
C THR B 43 34.58 0.20 -4.06
N VAL B 44 33.94 -0.84 -4.57
CA VAL B 44 33.48 -1.92 -3.71
C VAL B 44 33.98 -3.25 -4.26
N VAL B 45 33.94 -4.28 -3.42
CA VAL B 45 34.27 -5.60 -3.88
C VAL B 45 32.98 -6.39 -4.04
N ALA B 46 32.65 -6.74 -5.28
CA ALA B 46 31.33 -7.20 -5.64
C ALA B 46 31.43 -8.46 -6.48
N THR B 47 30.52 -9.39 -6.22
CA THR B 47 30.41 -10.62 -6.99
C THR B 47 29.52 -10.39 -8.20
N PRO B 48 29.90 -10.86 -9.39
CA PRO B 48 28.93 -10.79 -10.51
C PRO B 48 27.67 -11.65 -10.28
N GLY B 49 26.55 -11.17 -10.77
CA GLY B 49 25.25 -11.69 -10.38
C GLY B 49 25.01 -13.06 -10.95
N GLN B 50 25.33 -13.19 -12.23
CA GLN B 50 25.39 -14.48 -12.90
C GLN B 50 26.88 -14.62 -13.18
N GLY B 51 27.45 -15.71 -12.71
CA GLY B 51 28.83 -16.02 -13.02
C GLY B 51 29.41 -16.67 -11.80
N PRO B 52 30.66 -17.17 -11.91
CA PRO B 52 31.32 -17.85 -10.78
C PRO B 52 31.46 -16.91 -9.55
N ASP B 53 31.38 -17.45 -8.33
CA ASP B 53 31.53 -16.68 -7.07
C ASP B 53 32.90 -15.99 -6.98
N ARG B 54 33.20 -15.04 -7.90
CA ARG B 54 34.53 -14.44 -8.03
C ARG B 54 34.48 -12.90 -7.83
N PRO B 55 34.59 -12.43 -6.55
CA PRO B 55 34.49 -10.99 -6.25
C PRO B 55 35.53 -10.17 -6.97
N GLN B 56 35.13 -9.04 -7.52
CA GLN B 56 36.04 -8.10 -8.14
C GLN B 56 35.73 -6.68 -7.70
N GLU B 57 36.73 -5.84 -7.80
CA GLU B 57 36.57 -4.43 -7.51
C GLU B 57 35.67 -3.80 -8.58
N VAL B 58 34.63 -3.09 -8.13
CA VAL B 58 33.89 -2.25 -9.06
C VAL B 58 33.78 -0.84 -8.49
N SER B 59 33.94 0.10 -9.39
CA SER B 59 33.97 1.50 -9.05
C SER B 59 32.81 2.19 -9.71
N TYR B 60 32.16 3.04 -8.92
CA TYR B 60 31.02 3.81 -9.39
C TYR B 60 31.02 5.21 -8.84
N THR B 61 30.25 6.07 -9.51
CA THR B 61 30.17 7.50 -9.15
C THR B 61 28.74 8.13 -9.43
N ASP B 62 28.55 9.41 -9.08
CA ASP B 62 27.30 10.21 -9.34
C ASP B 62 26.07 9.56 -8.73
N THR B 63 26.22 9.26 -7.46
CA THR B 63 25.30 8.55 -6.66
C THR B 63 24.16 9.46 -6.26
N LYS B 64 22.90 9.03 -6.45
CA LYS B 64 21.75 9.76 -5.90
C LYS B 64 20.60 8.83 -5.63
N VAL B 65 19.72 9.20 -4.68
CA VAL B 65 18.52 8.40 -4.40
C VAL B 65 17.52 8.60 -5.54
N ILE B 66 17.06 7.50 -6.13
CA ILE B 66 15.95 7.47 -7.11
C ILE B 66 14.72 6.70 -6.63
N GLY B 67 14.83 5.97 -5.52
CA GLY B 67 13.71 5.31 -4.96
C GLY B 67 13.85 4.97 -3.52
N ASN B 68 12.73 4.90 -2.84
CA ASN B 68 12.70 4.71 -1.41
C ASN B 68 11.26 4.38 -1.11
N GLY B 69 10.96 3.12 -1.34
CA GLY B 69 9.59 2.68 -1.50
C GLY B 69 9.40 1.40 -0.76
N SER B 70 8.37 0.66 -1.18
CA SER B 70 8.04 -0.60 -0.55
C SER B 70 9.11 -1.66 -0.89
N PHE B 71 10.12 -1.23 -1.65
CA PHE B 71 11.08 -2.10 -2.33
C PHE B 71 12.60 -2.06 -2.02
N GLY B 72 13.23 -1.41 -1.03
CA GLY B 72 13.01 -0.10 -0.50
C GLY B 72 13.98 0.99 -1.01
N VAL B 73 15.21 1.12 -0.45
CA VAL B 73 16.16 2.24 -0.87
C VAL B 73 17.06 1.97 -2.08
N VAL B 74 16.94 2.80 -3.08
CA VAL B 74 17.59 2.54 -4.30
C VAL B 74 18.27 3.82 -4.76
N TYR B 75 19.55 3.68 -5.16
CA TYR B 75 20.36 4.77 -5.69
C TYR B 75 20.58 4.56 -7.15
N GLN B 76 20.76 5.63 -7.88
CA GLN B 76 21.33 5.51 -9.17
C GLN B 76 22.87 5.70 -9.03
N ALA B 77 23.64 5.13 -9.96
CA ALA B 77 25.07 5.33 -10.02
C ALA B 77 25.54 5.09 -11.42
N LYS B 78 26.76 5.55 -11.66
CA LYS B 78 27.42 5.39 -12.96
C LYS B 78 28.69 4.58 -12.68
N LEU B 79 28.78 3.47 -13.40
CA LEU B 79 29.96 2.63 -13.40
C LEU B 79 31.03 3.35 -14.18
N CYS B 80 32.13 3.68 -13.48
CA CYS B 80 33.38 4.23 -14.07
C CYS B 80 33.96 3.47 -15.27
N ASP B 81 33.92 2.14 -15.23
CA ASP B 81 34.32 1.29 -16.37
C ASP B 81 33.64 1.67 -17.67
N SER B 82 32.33 1.41 -17.74
CA SER B 82 31.53 1.52 -18.98
C SER B 82 30.81 2.85 -19.16
N GLY B 83 30.88 3.74 -18.18
CA GLY B 83 30.00 4.91 -18.16
C GLY B 83 28.53 4.58 -17.86
N GLU B 84 28.17 3.30 -17.74
CA GLU B 84 26.81 2.84 -17.76
C GLU B 84 26.08 3.11 -16.45
N LEU B 85 24.79 3.42 -16.59
CA LEU B 85 23.95 3.81 -15.47
C LEU B 85 23.32 2.57 -14.83
N VAL B 86 23.38 2.49 -13.51
CA VAL B 86 22.81 1.34 -12.82
C VAL B 86 22.04 1.77 -11.62
N ALA B 87 21.25 0.87 -11.06
CA ALA B 87 20.44 1.11 -9.89
C ALA B 87 20.92 0.22 -8.75
N ILE B 88 21.13 0.76 -7.56
CA ILE B 88 21.63 -0.02 -6.48
C ILE B 88 20.59 -0.06 -5.37
N LYS B 89 20.02 -1.23 -5.16
CA LYS B 89 19.12 -1.48 -4.06
C LYS B 89 19.90 -1.90 -2.80
N LYS B 90 19.75 -1.10 -1.74
CA LYS B 90 20.37 -1.34 -0.45
C LYS B 90 19.36 -1.76 0.63
N VAL B 91 19.56 -2.96 1.18
CA VAL B 91 18.75 -3.51 2.24
C VAL B 91 19.60 -4.05 3.34
N LEU B 92 19.12 -3.91 4.57
CA LEU B 92 19.77 -4.46 5.74
C LEU B 92 19.53 -5.95 5.61
N GLN B 93 20.59 -6.74 5.75
CA GLN B 93 20.53 -8.18 5.49
C GLN B 93 21.19 -8.87 6.68
N ASP B 94 20.34 -9.33 7.59
CA ASP B 94 20.73 -10.15 8.74
C ASP B 94 21.38 -11.43 8.22
N LYS B 95 22.61 -11.69 8.68
CA LYS B 95 23.42 -12.82 8.20
C LYS B 95 22.91 -14.18 8.71
N ARG B 96 22.12 -14.14 9.77
CA ARG B 96 21.44 -15.33 10.30
C ARG B 96 20.32 -15.90 9.38
N PHE B 97 20.07 -15.30 8.21
CA PHE B 97 19.44 -16.01 7.08
C PHE B 97 19.80 -15.45 5.67
N LYS B 98 19.58 -16.28 4.66
CA LYS B 98 19.82 -15.92 3.26
C LYS B 98 18.70 -15.01 2.75
N ASN B 99 19.08 -14.16 1.79
CA ASN B 99 18.16 -13.21 1.19
C ASN B 99 17.50 -13.91 -0.01
N ARG B 100 16.20 -14.14 0.10
CA ARG B 100 15.40 -14.79 -0.97
C ARG B 100 15.50 -14.11 -2.35
N GLU B 101 15.47 -12.78 -2.37
CA GLU B 101 15.45 -12.03 -3.65
C GLU B 101 16.76 -12.20 -4.36
N LEU B 102 17.83 -12.14 -3.58
CA LEU B 102 19.15 -12.46 -4.11
C LEU B 102 19.20 -13.83 -4.77
N GLN B 103 18.71 -14.86 -4.07
CA GLN B 103 18.81 -16.24 -4.60
C GLN B 103 18.05 -16.37 -5.91
N ILE B 104 16.89 -15.71 -5.99
CA ILE B 104 16.12 -15.70 -7.21
C ILE B 104 16.86 -14.95 -8.33
N MET B 105 17.39 -13.77 -8.03
CA MET B 105 17.97 -12.92 -9.07
C MET B 105 19.23 -13.57 -9.67
N ARG B 106 19.95 -14.37 -8.88
CA ARG B 106 21.14 -15.11 -9.40
C ARG B 106 20.81 -16.16 -10.44
N LYS B 107 19.63 -16.74 -10.34
CA LYS B 107 19.17 -17.72 -11.34
C LYS B 107 18.80 -17.10 -12.67
N LEU B 108 18.41 -15.83 -12.69
CA LEU B 108 17.73 -15.24 -13.87
C LEU B 108 18.60 -14.57 -14.91
N ASP B 109 18.42 -14.94 -16.17
CA ASP B 109 19.12 -14.28 -17.26
C ASP B 109 18.16 -14.24 -18.46
N HIS B 110 17.54 -13.09 -18.66
CA HIS B 110 16.53 -12.94 -19.66
C HIS B 110 16.41 -11.49 -20.08
N CYS B 111 16.21 -11.30 -21.36
CA CYS B 111 16.19 -9.96 -21.91
C CYS B 111 15.00 -9.11 -21.38
N ASN B 112 13.95 -9.74 -20.88
CA ASN B 112 12.81 -9.06 -20.31
C ASN B 112 12.73 -9.11 -18.79
N ILE B 113 13.86 -9.32 -18.13
CA ILE B 113 13.97 -9.30 -16.70
C ILE B 113 15.13 -8.43 -16.31
N VAL B 114 14.92 -7.56 -15.33
CA VAL B 114 15.98 -6.73 -14.80
C VAL B 114 17.12 -7.63 -14.38
N ARG B 115 18.32 -7.32 -14.83
CA ARG B 115 19.45 -8.21 -14.61
C ARG B 115 20.19 -7.75 -13.37
N LEU B 116 20.52 -8.71 -12.52
CA LEU B 116 21.40 -8.47 -11.42
C LEU B 116 22.84 -8.49 -11.94
N ARG B 117 23.49 -7.32 -11.93
CA ARG B 117 24.84 -7.16 -12.51
C ARG B 117 25.89 -7.59 -11.49
N TYR B 118 25.70 -7.17 -10.25
CA TYR B 118 26.61 -7.51 -9.16
C TYR B 118 25.83 -7.47 -7.89
N PHE B 119 26.36 -8.08 -6.84
CA PHE B 119 25.93 -7.80 -5.48
C PHE B 119 27.12 -7.66 -4.56
N PHE B 120 26.98 -6.89 -3.48
CA PHE B 120 28.04 -6.69 -2.51
C PHE B 120 27.53 -6.29 -1.14
N TYR B 121 28.36 -6.50 -0.12
CA TYR B 121 27.98 -6.27 1.25
C TYR B 121 28.62 -5.00 1.74
N SER B 122 27.99 -4.32 2.70
CA SER B 122 28.52 -3.03 3.21
C SER B 122 28.07 -2.77 4.65
N SER B 123 28.65 -1.75 5.28
CA SER B 123 28.27 -1.29 6.65
C SER B 123 27.17 -0.23 6.64
N ASP B 128 27.29 -2.23 14.09
CA ASP B 128 27.81 -3.50 13.56
C ASP B 128 26.77 -4.22 12.71
N GLU B 129 26.26 -3.46 11.75
CA GLU B 129 25.14 -3.84 10.89
C GLU B 129 25.70 -4.10 9.48
N VAL B 130 25.15 -5.09 8.79
CA VAL B 130 25.54 -5.44 7.41
C VAL B 130 24.36 -5.21 6.42
N TYR B 131 24.65 -4.53 5.31
CA TYR B 131 23.69 -4.30 4.24
C TYR B 131 24.04 -5.09 2.99
N LEU B 132 23.03 -5.67 2.36
CA LEU B 132 23.18 -6.26 1.05
C LEU B 132 22.91 -5.16 0.02
N ASN B 133 23.64 -5.17 -1.09
CA ASN B 133 23.50 -4.23 -2.17
C ASN B 133 23.31 -4.98 -3.49
N LEU B 134 22.19 -4.80 -4.16
CA LEU B 134 21.94 -5.34 -5.51
C LEU B 134 22.18 -4.27 -6.57
N VAL B 135 23.13 -4.51 -7.46
CA VAL B 135 23.41 -3.61 -8.58
C VAL B 135 22.62 -4.17 -9.73
N LEU B 136 21.65 -3.39 -10.21
CA LEU B 136 20.66 -3.85 -11.18
C LEU B 136 20.60 -2.85 -12.30
N ASP B 137 20.05 -3.22 -13.45
CA ASP B 137 19.89 -2.25 -14.55
C ASP B 137 19.09 -1.05 -14.07
N TYR B 138 19.50 0.12 -14.55
CA TYR B 138 18.76 1.36 -14.44
C TYR B 138 18.02 1.57 -15.73
N VAL B 139 16.72 1.79 -15.65
CA VAL B 139 15.89 2.09 -16.80
C VAL B 139 15.06 3.31 -16.38
N PRO B 140 14.91 4.29 -17.28
CA PRO B 140 14.35 5.60 -16.80
C PRO B 140 12.81 5.64 -16.65
N GLU B 141 12.08 4.72 -17.25
CA GLU B 141 10.60 4.73 -17.25
C GLU B 141 9.99 3.40 -16.90
N THR B 142 8.69 3.46 -16.63
CA THR B 142 7.89 2.29 -16.37
C THR B 142 6.61 2.35 -17.17
N VAL B 143 5.92 1.22 -17.26
CA VAL B 143 4.68 1.16 -17.93
C VAL B 143 3.71 2.01 -17.14
N TYR B 144 3.88 2.07 -15.81
CA TYR B 144 2.90 2.88 -15.04
C TYR B 144 3.03 4.33 -15.47
N ARG B 145 4.23 4.82 -15.51
CA ARG B 145 4.42 6.22 -15.91
C ARG B 145 3.97 6.53 -17.33
N VAL B 146 4.36 5.70 -18.26
CA VAL B 146 4.01 5.95 -19.62
C VAL B 146 2.50 5.94 -19.77
N ALA B 147 1.82 4.98 -19.16
CA ALA B 147 0.38 4.90 -19.31
C ALA B 147 -0.34 6.03 -18.59
N ARG B 148 0.24 6.55 -17.51
CA ARG B 148 -0.34 7.65 -16.79
C ARG B 148 -0.24 8.92 -17.63
N HIS B 149 0.85 9.06 -18.31
CA HIS B 149 1.04 10.16 -19.22
C HIS B 149 -0.08 10.14 -20.30
N TYR B 150 -0.40 8.97 -20.85
CA TYR B 150 -1.52 8.91 -21.80
C TYR B 150 -2.85 9.26 -21.20
N SER B 151 -3.18 8.69 -20.06
CA SER B 151 -4.53 8.80 -19.53
C SER B 151 -4.82 10.17 -18.95
N ARG B 152 -3.83 10.79 -18.34
CA ARG B 152 -3.96 12.17 -17.88
C ARG B 152 -4.21 13.15 -19.02
N ALA B 153 -3.83 12.80 -20.23
CA ALA B 153 -4.25 13.53 -21.42
C ALA B 153 -5.42 12.86 -22.14
N LYS B 154 -6.30 12.20 -21.43
CA LYS B 154 -7.49 11.54 -22.02
C LYS B 154 -7.20 10.76 -23.30
N GLN B 155 -6.31 9.79 -23.23
CA GLN B 155 -5.86 9.06 -24.42
C GLN B 155 -5.43 7.65 -24.14
N THR B 156 -5.50 6.85 -25.18
CA THR B 156 -5.10 5.47 -25.07
C THR B 156 -3.78 5.22 -25.74
N LEU B 157 -2.99 4.45 -25.03
CA LEU B 157 -1.78 3.92 -25.54
C LEU B 157 -2.10 3.12 -26.83
N PRO B 158 -1.40 3.47 -27.92
CA PRO B 158 -1.67 2.73 -29.12
C PRO B 158 -1.49 1.25 -28.90
N VAL B 159 -2.35 0.51 -29.55
CA VAL B 159 -2.42 -0.93 -29.43
C VAL B 159 -1.10 -1.62 -29.73
N ILE B 160 -0.30 -1.09 -30.65
CA ILE B 160 1.01 -1.72 -30.96
C ILE B 160 1.89 -1.76 -29.73
N TYR B 161 1.89 -0.72 -28.91
CA TYR B 161 2.67 -0.76 -27.68
C TYR B 161 2.05 -1.71 -26.64
N VAL B 162 0.73 -1.80 -26.64
CA VAL B 162 0.05 -2.75 -25.77
C VAL B 162 0.52 -4.12 -26.12
N LYS B 163 0.59 -4.42 -27.41
CA LYS B 163 1.10 -5.74 -27.81
C LYS B 163 2.56 -5.96 -27.40
N LEU B 164 3.41 -4.97 -27.66
CA LEU B 164 4.84 -5.07 -27.32
C LEU B 164 5.05 -5.36 -25.84
N TYR B 165 4.34 -4.60 -25.02
CA TYR B 165 4.57 -4.66 -23.57
C TYR B 165 4.06 -5.97 -22.97
N MET B 166 2.84 -6.31 -23.34
CA MET B 166 2.24 -7.53 -22.83
C MET B 166 3.01 -8.78 -23.24
N TYR B 167 3.38 -8.87 -24.52
CA TYR B 167 4.20 -10.00 -25.00
C TYR B 167 5.48 -10.22 -24.19
N GLN B 168 6.19 -9.13 -23.96
CA GLN B 168 7.45 -9.16 -23.24
C GLN B 168 7.23 -9.55 -21.84
N LEU B 169 6.13 -9.08 -21.26
CA LEU B 169 5.82 -9.47 -19.89
C LEU B 169 5.50 -10.97 -19.85
N PHE B 170 4.64 -11.42 -20.76
CA PHE B 170 4.42 -12.85 -20.86
C PHE B 170 5.69 -13.69 -21.07
N ARG B 171 6.62 -13.28 -21.92
CA ARG B 171 7.89 -14.01 -21.97
C ARG B 171 8.61 -14.06 -20.62
N SER B 172 8.69 -12.94 -19.93
CA SER B 172 9.37 -12.93 -18.63
C SER B 172 8.71 -13.90 -17.66
N LEU B 173 7.38 -13.92 -17.67
CA LEU B 173 6.62 -14.87 -16.85
C LEU B 173 6.84 -16.35 -17.24
N ALA B 174 6.85 -16.69 -18.54
CA ALA B 174 7.17 -18.08 -18.98
C ALA B 174 8.49 -18.50 -18.36
N TYR B 175 9.46 -17.60 -18.47
CA TYR B 175 10.79 -17.88 -17.99
C TYR B 175 10.84 -18.04 -16.50
N ILE B 176 10.20 -17.16 -15.73
CA ILE B 176 10.34 -17.31 -14.30
C ILE B 176 9.51 -18.48 -13.80
N HIS B 177 8.37 -18.71 -14.44
CA HIS B 177 7.52 -19.83 -14.02
C HIS B 177 8.19 -21.20 -14.21
N SER B 178 9.02 -21.32 -15.24
CA SER B 178 9.82 -22.52 -15.50
C SER B 178 10.88 -22.90 -14.46
N PHE B 179 11.22 -22.04 -13.50
CA PHE B 179 11.98 -22.39 -12.31
C PHE B 179 11.10 -22.58 -11.08
N GLY B 180 9.79 -22.67 -11.26
CA GLY B 180 8.86 -22.60 -10.14
C GLY B 180 8.75 -21.28 -9.42
N ILE B 181 9.32 -20.22 -10.01
CA ILE B 181 9.31 -18.90 -9.37
C ILE B 181 8.09 -18.11 -9.81
N CYS B 182 7.32 -17.65 -8.82
CA CYS B 182 6.19 -16.79 -9.03
C CYS B 182 6.50 -15.38 -8.47
N HIS B 183 6.21 -14.36 -9.29
CA HIS B 183 6.64 -13.02 -8.98
C HIS B 183 5.88 -12.42 -7.80
N ARG B 184 4.55 -12.59 -7.84
CA ARG B 184 3.61 -12.15 -6.78
C ARG B 184 3.45 -10.70 -6.55
N ASP B 185 3.96 -9.90 -7.47
CA ASP B 185 3.69 -8.46 -7.52
C ASP B 185 3.72 -7.86 -8.95
N ILE B 186 3.11 -8.59 -9.87
CA ILE B 186 2.91 -8.09 -11.21
C ILE B 186 1.96 -6.89 -11.17
N LYS B 187 2.43 -5.78 -11.72
CA LYS B 187 1.67 -4.53 -11.86
C LYS B 187 2.48 -3.55 -12.75
N PRO B 188 1.85 -2.49 -13.25
CA PRO B 188 2.51 -1.59 -14.20
C PRO B 188 3.77 -0.91 -13.66
N GLN B 189 3.77 -0.63 -12.35
CA GLN B 189 4.91 -0.03 -11.69
C GLN B 189 6.17 -0.92 -11.69
N ASN B 190 6.03 -2.22 -11.85
CA ASN B 190 7.16 -3.18 -11.80
C ASN B 190 7.54 -3.62 -13.20
N LEU B 191 7.17 -2.83 -14.19
CA LEU B 191 7.56 -3.06 -15.55
C LEU B 191 8.42 -1.90 -16.03
N LEU B 192 9.72 -2.12 -16.04
CA LEU B 192 10.63 -1.12 -16.57
C LEU B 192 10.51 -1.07 -18.07
N LEU B 193 10.77 0.09 -18.59
CA LEU B 193 10.43 0.41 -19.95
C LEU B 193 11.38 1.48 -20.52
N ASP B 194 12.09 1.09 -21.57
CA ASP B 194 12.92 1.99 -22.34
C ASP B 194 12.06 2.53 -23.46
N PRO B 195 11.62 3.76 -23.30
CA PRO B 195 10.63 4.26 -24.25
C PRO B 195 11.08 4.37 -25.74
N ASP B 196 12.38 4.45 -26.04
CA ASP B 196 12.86 4.46 -27.44
C ASP B 196 12.91 3.08 -28.08
N THR B 197 13.40 2.10 -27.34
CA THR B 197 13.58 0.75 -27.86
C THR B 197 12.39 -0.11 -27.58
N ALA B 198 11.53 0.39 -26.70
CA ALA B 198 10.37 -0.39 -26.25
C ALA B 198 10.75 -1.72 -25.61
N VAL B 199 11.94 -1.86 -25.02
CA VAL B 199 12.22 -3.06 -24.23
C VAL B 199 11.61 -2.88 -22.83
N LEU B 200 11.01 -3.95 -22.38
CA LEU B 200 10.36 -4.03 -21.08
C LEU B 200 11.13 -5.00 -20.25
N LYS B 201 11.29 -4.66 -18.99
CA LYS B 201 11.92 -5.57 -18.04
C LYS B 201 11.15 -5.61 -16.76
N LEU B 202 10.80 -6.85 -16.40
CA LEU B 202 10.14 -7.11 -15.17
C LEU B 202 11.16 -6.83 -14.10
N CYS B 203 10.74 -6.13 -13.05
CA CYS B 203 11.65 -5.88 -11.94
C CYS B 203 10.93 -6.05 -10.60
N ASP B 204 11.66 -5.75 -9.51
CA ASP B 204 11.25 -5.87 -8.14
C ASP B 204 10.76 -7.25 -7.77
N PHE B 205 11.72 -8.09 -7.42
CA PHE B 205 11.46 -9.44 -7.08
C PHE B 205 11.39 -9.59 -5.56
N GLY B 206 11.10 -8.51 -4.84
CA GLY B 206 11.04 -8.57 -3.36
C GLY B 206 9.88 -9.39 -2.80
N SER B 207 8.82 -9.62 -3.57
CA SER B 207 7.69 -10.40 -3.13
C SER B 207 7.78 -11.80 -3.73
N ALA B 208 8.81 -12.11 -4.52
CA ALA B 208 8.82 -13.34 -5.32
C ALA B 208 9.20 -14.57 -4.46
N LYS B 209 8.89 -15.76 -4.97
CA LYS B 209 9.03 -16.99 -4.19
C LYS B 209 8.98 -18.22 -5.06
N GLN B 210 9.83 -19.22 -4.76
CA GLN B 210 9.71 -20.56 -5.35
C GLN B 210 8.46 -21.20 -4.72
N LEU B 211 7.51 -21.63 -5.56
CA LEU B 211 6.32 -22.28 -5.07
C LEU B 211 6.53 -23.77 -5.18
N VAL B 212 6.41 -24.44 -4.04
CA VAL B 212 6.47 -25.90 -3.99
C VAL B 212 5.07 -26.43 -3.78
N ARG B 213 4.65 -27.38 -4.63
CA ARG B 213 3.38 -28.10 -4.38
C ARG B 213 3.42 -28.72 -2.98
N GLY B 214 2.45 -28.40 -2.15
CA GLY B 214 2.41 -28.89 -0.80
C GLY B 214 2.67 -27.84 0.25
N GLU B 215 3.58 -26.89 -0.02
CA GLU B 215 3.95 -25.91 1.01
C GLU B 215 3.08 -24.67 0.93
N PRO B 216 2.32 -24.36 1.99
CA PRO B 216 1.35 -23.25 1.91
C PRO B 216 2.02 -21.88 1.78
N ASN B 217 1.25 -20.84 1.41
CA ASN B 217 1.81 -19.50 1.15
C ASN B 217 0.85 -18.45 1.55
N VAL B 218 1.35 -17.28 1.92
CA VAL B 218 0.42 -16.20 2.33
C VAL B 218 -0.55 -15.82 1.20
N SER B 219 -1.78 -15.58 1.61
CA SER B 219 -2.88 -15.13 0.77
C SER B 219 -2.78 -13.68 0.46
N ILE B 221 -1.24 -11.01 -0.56
CA ILE B 221 0.00 -10.83 -1.33
C ILE B 221 -0.40 -10.18 -2.70
N CYS B 222 0.54 -9.67 -3.52
CA CYS B 222 0.28 -8.77 -4.68
C CYS B 222 -0.25 -7.46 -4.27
N SER B 223 -0.20 -6.48 -5.17
CA SER B 223 -0.95 -5.23 -4.99
C SER B 223 -2.40 -5.45 -5.31
N ARG B 224 -3.24 -4.76 -4.54
CA ARG B 224 -4.62 -5.11 -4.37
C ARG B 224 -5.32 -5.21 -5.72
N TYR B 225 -5.15 -4.16 -6.50
CA TYR B 225 -5.81 -4.06 -7.77
C TYR B 225 -5.53 -5.24 -8.70
N TYR B 226 -4.38 -5.91 -8.49
CA TYR B 226 -3.84 -6.95 -9.39
C TYR B 226 -3.95 -8.29 -8.72
N ARG B 227 -4.67 -8.32 -7.58
CA ARG B 227 -4.74 -9.52 -6.75
C ARG B 227 -5.75 -10.54 -7.30
N ALA B 228 -5.26 -11.74 -7.54
CA ALA B 228 -6.06 -12.86 -8.01
C ALA B 228 -7.14 -13.21 -6.99
N PRO B 229 -8.30 -13.68 -7.50
CA PRO B 229 -9.44 -13.91 -6.65
C PRO B 229 -9.26 -15.09 -5.66
N GLU B 230 -8.52 -16.14 -6.02
CA GLU B 230 -8.11 -17.18 -5.03
C GLU B 230 -7.56 -16.53 -3.78
N LEU B 231 -6.70 -15.54 -3.96
CA LEU B 231 -5.97 -14.93 -2.86
C LEU B 231 -6.92 -14.19 -1.98
N ILE B 232 -7.89 -13.52 -2.60
CA ILE B 232 -8.87 -12.78 -1.86
C ILE B 232 -9.77 -13.75 -1.03
N PHE B 233 -9.90 -14.98 -1.49
CA PHE B 233 -10.59 -16.04 -0.79
C PHE B 233 -9.68 -16.81 0.18
N GLY B 234 -8.60 -16.20 0.68
CA GLY B 234 -7.68 -16.86 1.64
C GLY B 234 -7.01 -18.15 1.17
N ALA B 235 -6.91 -18.39 -0.13
CA ALA B 235 -6.21 -19.58 -0.60
C ALA B 235 -4.73 -19.50 -0.24
N THR B 236 -4.16 -20.67 0.07
CA THR B 236 -2.76 -20.82 0.41
C THR B 236 -2.05 -21.92 -0.41
N ASP B 237 -2.79 -22.64 -1.24
CA ASP B 237 -2.27 -23.63 -2.17
C ASP B 237 -2.17 -23.08 -3.61
N TYR B 238 -2.26 -21.77 -3.76
CA TYR B 238 -2.19 -21.13 -5.09
C TYR B 238 -0.93 -21.38 -5.85
N THR B 239 -1.01 -21.11 -7.16
CA THR B 239 0.09 -21.41 -8.09
C THR B 239 0.55 -20.15 -8.78
N SER B 240 1.50 -20.31 -9.66
CA SER B 240 2.02 -19.20 -10.44
C SER B 240 0.99 -18.57 -11.40
N SER B 241 -0.19 -19.16 -11.55
CA SER B 241 -1.25 -18.57 -12.32
C SER B 241 -1.76 -17.30 -11.67
N ILE B 242 -1.45 -17.03 -10.43
CA ILE B 242 -1.80 -15.69 -9.90
C ILE B 242 -1.15 -14.54 -10.70
N ASP B 243 0.11 -14.74 -11.12
CA ASP B 243 0.82 -13.76 -11.95
C ASP B 243 0.13 -13.50 -13.28
N VAL B 244 -0.54 -14.52 -13.79
CA VAL B 244 -1.29 -14.41 -15.04
C VAL B 244 -2.63 -13.65 -14.89
N TRP B 245 -3.35 -13.86 -13.80
CA TRP B 245 -4.40 -12.94 -13.42
C TRP B 245 -3.89 -11.49 -13.40
N SER B 246 -2.76 -11.28 -12.75
CA SER B 246 -2.26 -9.92 -12.60
C SER B 246 -1.94 -9.30 -13.95
N ALA B 247 -1.40 -10.10 -14.85
CA ALA B 247 -1.02 -9.66 -16.18
C ALA B 247 -2.27 -9.31 -16.98
N GLY B 248 -3.31 -10.09 -16.81
CA GLY B 248 -4.60 -9.72 -17.35
C GLY B 248 -5.15 -8.40 -16.84
N CYS B 249 -4.99 -8.12 -15.55
CA CYS B 249 -5.32 -6.76 -15.01
C CYS B 249 -4.49 -5.65 -15.67
N VAL B 250 -3.25 -5.95 -16.02
CA VAL B 250 -2.41 -4.97 -16.71
C VAL B 250 -2.90 -4.75 -18.17
N LEU B 251 -3.20 -5.84 -18.87
CA LEU B 251 -3.70 -5.72 -20.21
C LEU B 251 -4.95 -4.88 -20.22
N ALA B 252 -5.88 -5.21 -19.37
CA ALA B 252 -7.12 -4.50 -19.36
C ALA B 252 -6.91 -3.06 -18.98
N GLU B 253 -6.05 -2.77 -18.02
CA GLU B 253 -5.80 -1.36 -17.66
C GLU B 253 -5.17 -0.59 -18.83
N LEU B 254 -4.30 -1.25 -19.59
CA LEU B 254 -3.72 -0.60 -20.76
C LEU B 254 -4.72 -0.32 -21.87
N LEU B 255 -5.74 -1.16 -22.01
CA LEU B 255 -6.83 -0.92 -22.97
C LEU B 255 -7.90 0.08 -22.49
N LEU B 256 -8.16 0.13 -21.18
CA LEU B 256 -9.13 1.09 -20.59
C LEU B 256 -8.58 2.42 -20.19
N GLY B 257 -7.27 2.55 -19.93
CA GLY B 257 -6.70 3.79 -19.36
C GLY B 257 -6.92 4.00 -17.87
N GLN B 258 -7.34 2.95 -17.16
CA GLN B 258 -7.54 3.00 -15.71
C GLN B 258 -7.66 1.58 -15.19
N PRO B 259 -7.39 1.37 -13.90
CA PRO B 259 -7.51 0.02 -13.39
C PRO B 259 -8.91 -0.54 -13.60
N ILE B 260 -8.97 -1.80 -14.01
CA ILE B 260 -10.24 -2.48 -14.22
C ILE B 260 -10.95 -2.83 -12.90
N PHE B 261 -10.18 -3.13 -11.86
CA PHE B 261 -10.76 -3.55 -10.56
C PHE B 261 -10.21 -2.71 -9.40
N PRO B 262 -10.64 -1.45 -9.28
CA PRO B 262 -10.15 -0.51 -8.26
C PRO B 262 -10.81 -0.67 -6.87
N GLY B 263 -10.44 -1.74 -6.19
CA GLY B 263 -10.98 -2.00 -4.90
C GLY B 263 -10.65 -0.93 -3.91
N ASP B 264 -11.66 -0.56 -3.12
CA ASP B 264 -11.51 0.28 -1.92
C ASP B 264 -10.83 -0.35 -0.76
N SER B 265 -10.80 -1.67 -0.72
CA SER B 265 -10.25 -2.40 0.40
C SER B 265 -9.93 -3.73 -0.14
N GLY B 266 -9.14 -4.52 0.57
CA GLY B 266 -8.91 -5.91 0.14
C GLY B 266 -10.20 -6.68 -0.16
N VAL B 267 -11.29 -6.35 0.52
CA VAL B 267 -12.50 -7.14 0.51
C VAL B 267 -13.40 -6.59 -0.56
N ASP B 268 -13.52 -5.26 -0.67
CA ASP B 268 -14.20 -4.64 -1.80
C ASP B 268 -13.58 -5.05 -3.15
N GLN B 269 -12.34 -5.52 -3.17
CA GLN B 269 -11.68 -5.91 -4.40
C GLN B 269 -12.45 -7.05 -5.10
N LEU B 270 -12.93 -8.00 -4.30
CA LEU B 270 -13.79 -9.05 -4.84
C LEU B 270 -15.04 -8.45 -5.45
N VAL B 271 -15.56 -7.39 -4.85
CA VAL B 271 -16.80 -6.78 -5.30
C VAL B 271 -16.58 -6.29 -6.70
N GLU B 272 -15.53 -5.47 -6.87
CA GLU B 272 -15.14 -4.91 -8.16
C GLU B 272 -14.95 -6.03 -9.17
N ILE B 273 -14.30 -7.10 -8.76
CA ILE B 273 -14.16 -8.25 -9.68
C ILE B 273 -15.55 -8.75 -10.13
N ILE B 274 -16.44 -8.97 -9.16
CA ILE B 274 -17.75 -9.58 -9.41
C ILE B 274 -18.60 -8.71 -10.32
N LYS B 275 -18.60 -7.39 -10.12
CA LYS B 275 -19.30 -6.49 -11.04
C LYS B 275 -18.92 -6.63 -12.54
N VAL B 276 -18.00 -7.52 -12.87
CA VAL B 276 -17.58 -7.72 -14.22
C VAL B 276 -17.63 -9.19 -14.55
N LEU B 277 -16.97 -10.04 -13.76
CA LEU B 277 -17.02 -11.46 -14.05
C LEU B 277 -18.37 -12.09 -13.68
N GLY B 278 -19.14 -11.39 -12.83
CA GLY B 278 -20.37 -11.90 -12.23
C GLY B 278 -19.99 -12.85 -11.12
N THR B 279 -20.97 -13.20 -10.27
CA THR B 279 -20.63 -14.04 -9.12
C THR B 279 -20.07 -15.35 -9.59
N PRO B 280 -19.03 -15.80 -8.91
CA PRO B 280 -18.46 -17.05 -9.31
C PRO B 280 -19.35 -18.19 -8.87
N THR B 281 -19.45 -19.21 -9.72
CA THR B 281 -20.17 -20.44 -9.44
C THR B 281 -19.50 -21.23 -8.33
N ARG B 282 -20.17 -22.27 -7.88
CA ARG B 282 -19.68 -23.08 -6.78
C ARG B 282 -18.47 -23.93 -7.21
N GLU B 283 -18.47 -24.48 -8.42
CA GLU B 283 -17.30 -25.22 -8.93
C GLU B 283 -16.10 -24.28 -9.19
N GLN B 284 -16.39 -23.00 -9.45
CA GLN B 284 -15.37 -21.98 -9.57
C GLN B 284 -14.76 -21.69 -8.24
N ILE B 285 -15.61 -21.46 -7.23
CA ILE B 285 -15.12 -21.21 -5.88
C ILE B 285 -14.34 -22.41 -5.34
N ARG B 286 -14.75 -23.60 -5.73
CA ARG B 286 -14.08 -24.80 -5.28
C ARG B 286 -12.68 -24.88 -5.90
N GLU B 287 -12.54 -24.47 -7.17
CA GLU B 287 -11.22 -24.49 -7.79
C GLU B 287 -10.28 -23.38 -7.27
N MET B 288 -10.88 -22.29 -6.74
CA MET B 288 -10.13 -21.21 -6.09
C MET B 288 -9.63 -21.56 -4.68
N ASN B 289 -10.52 -21.59 -3.68
CA ASN B 289 -10.18 -22.05 -2.32
C ASN B 289 -11.09 -23.24 -2.00
N PRO B 290 -10.59 -24.49 -2.21
CA PRO B 290 -11.42 -25.67 -1.87
C PRO B 290 -11.85 -25.74 -0.40
N ASN B 291 -11.10 -25.12 0.52
CA ASN B 291 -11.47 -25.02 1.96
C ASN B 291 -12.62 -24.03 2.22
N TYR B 292 -13.08 -23.29 1.21
CA TYR B 292 -13.96 -22.14 1.46
C TYR B 292 -15.42 -22.47 1.27
N THR B 293 -16.20 -22.10 2.27
CA THR B 293 -17.67 -22.17 2.23
C THR B 293 -18.23 -21.38 3.46
N GLU B 294 -19.40 -20.73 3.39
CA GLU B 294 -20.25 -20.54 2.20
C GLU B 294 -20.10 -19.09 1.72
N PHE B 295 -20.59 -18.81 0.52
CA PHE B 295 -20.56 -17.47 -0.07
C PHE B 295 -21.95 -16.86 0.04
N LYS B 296 -22.08 -15.82 0.84
CA LYS B 296 -23.33 -15.09 0.98
C LYS B 296 -23.16 -13.67 0.43
N PHE B 297 -23.03 -13.58 -0.89
CA PHE B 297 -23.09 -12.31 -1.62
C PHE B 297 -24.11 -12.45 -2.76
N PRO B 298 -24.87 -11.36 -3.02
CA PRO B 298 -25.91 -11.36 -4.05
C PRO B 298 -25.48 -11.96 -5.39
N GLN B 299 -26.44 -12.57 -6.08
CA GLN B 299 -26.21 -13.11 -7.40
C GLN B 299 -26.21 -11.96 -8.41
N ILE B 300 -25.14 -11.92 -9.22
CA ILE B 300 -24.83 -10.78 -10.11
C ILE B 300 -24.39 -11.33 -11.44
N LYS B 301 -24.94 -10.79 -12.52
CA LYS B 301 -24.59 -11.30 -13.85
C LYS B 301 -23.23 -10.79 -14.35
N ALA B 302 -22.52 -11.64 -15.11
CA ALA B 302 -21.33 -11.19 -15.83
C ALA B 302 -21.70 -10.11 -16.83
N HIS B 303 -20.90 -9.06 -16.84
CA HIS B 303 -20.92 -8.08 -17.88
C HIS B 303 -20.19 -8.68 -19.09
N PRO B 304 -20.81 -8.61 -20.27
CA PRO B 304 -20.09 -9.22 -21.41
C PRO B 304 -18.79 -8.44 -21.68
N TRP B 305 -17.74 -9.20 -21.96
CA TRP B 305 -16.43 -8.63 -22.19
C TRP B 305 -16.38 -7.51 -23.24
N THR B 306 -17.15 -7.65 -24.31
CA THR B 306 -17.06 -6.71 -25.43
C THR B 306 -17.70 -5.37 -25.11
N LYS B 307 -18.49 -5.30 -24.06
CA LYS B 307 -18.98 -4.03 -23.48
C LYS B 307 -18.18 -3.45 -22.29
N VAL B 308 -17.19 -4.19 -21.80
CA VAL B 308 -16.26 -3.70 -20.80
C VAL B 308 -15.37 -2.66 -21.46
N PHE B 309 -14.80 -3.00 -22.61
CA PHE B 309 -13.88 -2.08 -23.30
C PHE B 309 -14.59 -1.14 -24.27
N ARG B 310 -14.02 0.04 -24.45
CA ARG B 310 -14.50 0.99 -25.46
C ARG B 310 -14.61 0.29 -26.83
N PRO B 311 -15.50 0.80 -27.72
CA PRO B 311 -15.72 0.08 -28.98
C PRO B 311 -14.55 0.26 -29.94
N ARG B 312 -14.37 -0.75 -30.81
CA ARG B 312 -13.21 -0.84 -31.71
C ARG B 312 -11.90 -1.28 -31.03
N THR B 313 -11.95 -1.60 -29.72
CA THR B 313 -10.98 -2.50 -29.14
C THR B 313 -10.89 -3.79 -29.98
N PRO B 314 -9.67 -4.16 -30.43
CA PRO B 314 -9.61 -5.41 -31.20
C PRO B 314 -10.11 -6.69 -30.45
N PRO B 315 -10.99 -7.45 -31.08
CA PRO B 315 -11.55 -8.61 -30.42
C PRO B 315 -10.50 -9.65 -30.06
N GLU B 316 -9.34 -9.62 -30.73
CA GLU B 316 -8.25 -10.50 -30.33
C GLU B 316 -7.73 -10.07 -28.93
N ALA B 317 -7.79 -8.77 -28.59
CA ALA B 317 -7.39 -8.34 -27.26
C ALA B 317 -8.37 -8.77 -26.18
N ILE B 318 -9.64 -8.59 -26.49
CA ILE B 318 -10.75 -9.03 -25.65
C ILE B 318 -10.70 -10.55 -25.44
N ALA B 319 -10.44 -11.30 -26.48
CA ALA B 319 -10.38 -12.73 -26.32
C ALA B 319 -9.20 -13.15 -25.42
N LEU B 320 -8.08 -12.45 -25.55
CA LEU B 320 -6.90 -12.76 -24.71
C LEU B 320 -7.24 -12.45 -23.25
N CYS B 321 -7.80 -11.28 -23.05
CA CYS B 321 -8.13 -10.85 -21.74
C CYS B 321 -9.09 -11.77 -20.97
N SER B 322 -10.07 -12.35 -21.64
CA SER B 322 -11.06 -13.19 -20.96
C SER B 322 -10.53 -14.60 -20.62
N ARG B 323 -9.43 -15.02 -21.26
CA ARG B 323 -8.72 -16.24 -20.91
C ARG B 323 -7.64 -16.02 -19.86
N LEU B 324 -7.40 -14.78 -19.46
CA LEU B 324 -6.49 -14.44 -18.37
C LEU B 324 -7.32 -14.15 -17.11
N LEU B 325 -8.37 -13.34 -17.27
CA LEU B 325 -9.27 -13.00 -16.16
C LEU B 325 -10.45 -13.96 -15.95
N GLU B 326 -10.07 -15.17 -15.55
CA GLU B 326 -10.92 -16.29 -15.19
C GLU B 326 -10.74 -16.63 -13.72
N TYR B 327 -11.84 -16.89 -13.05
CA TYR B 327 -11.86 -17.33 -11.67
C TYR B 327 -11.11 -18.63 -11.52
N THR B 328 -11.33 -19.56 -12.43
CA THR B 328 -10.70 -20.84 -12.27
C THR B 328 -9.24 -20.79 -12.63
N PRO B 329 -8.37 -21.01 -11.62
CA PRO B 329 -6.97 -20.72 -11.88
C PRO B 329 -6.36 -21.51 -13.03
N THR B 330 -6.81 -22.73 -13.20
CA THR B 330 -6.28 -23.64 -14.24
C THR B 330 -6.91 -23.34 -15.60
N ALA B 331 -8.00 -22.59 -15.62
CA ALA B 331 -8.61 -22.18 -16.91
C ALA B 331 -7.82 -21.10 -17.63
N ARG B 332 -6.99 -20.36 -16.89
CA ARG B 332 -6.23 -19.26 -17.45
C ARG B 332 -5.13 -19.79 -18.34
N LEU B 333 -4.87 -19.10 -19.45
CA LEU B 333 -3.72 -19.41 -20.31
C LEU B 333 -2.43 -19.46 -19.50
N THR B 334 -1.44 -20.23 -19.99
CA THR B 334 -0.10 -20.14 -19.47
C THR B 334 0.52 -18.94 -20.20
N PRO B 335 1.64 -18.39 -19.64
CA PRO B 335 2.32 -17.29 -20.30
C PRO B 335 2.80 -17.63 -21.69
N LEU B 336 3.24 -18.86 -21.89
CA LEU B 336 3.75 -19.26 -23.18
C LEU B 336 2.61 -19.33 -24.17
N GLU B 337 1.47 -19.85 -23.73
CA GLU B 337 0.25 -19.86 -24.57
C GLU B 337 -0.22 -18.47 -24.90
N ALA B 338 -0.20 -17.57 -23.90
CA ALA B 338 -0.56 -16.19 -24.14
C ALA B 338 0.38 -15.51 -25.15
N CYS B 339 1.68 -15.75 -25.08
CA CYS B 339 2.62 -15.28 -26.15
C CYS B 339 2.25 -15.78 -27.55
N ALA B 340 1.83 -17.05 -27.62
CA ALA B 340 1.38 -17.63 -28.89
C ALA B 340 0.02 -17.12 -29.36
N HIS B 341 -0.73 -16.44 -28.51
CA HIS B 341 -2.04 -15.90 -28.87
C HIS B 341 -1.99 -14.97 -30.07
N SER B 342 -3.10 -14.87 -30.80
CA SER B 342 -3.12 -14.20 -32.10
C SER B 342 -3.15 -12.67 -32.02
N PHE B 343 -3.57 -12.13 -30.88
CA PHE B 343 -3.36 -10.73 -30.52
C PHE B 343 -1.95 -10.24 -30.78
N PHE B 344 -0.96 -11.12 -30.63
CA PHE B 344 0.44 -10.76 -30.89
C PHE B 344 0.92 -11.03 -32.32
N ASP B 345 0.01 -11.40 -33.23
CA ASP B 345 0.44 -11.87 -34.58
C ASP B 345 1.19 -10.77 -35.31
N GLU B 346 0.75 -9.54 -35.13
CA GLU B 346 1.41 -8.38 -35.71
C GLU B 346 2.88 -8.35 -35.44
N LEU B 347 3.27 -8.76 -34.24
CA LEU B 347 4.68 -8.80 -33.80
C LEU B 347 5.50 -9.89 -34.50
N ARG B 348 4.81 -10.88 -35.05
CA ARG B 348 5.43 -11.93 -35.78
C ARG B 348 5.58 -11.60 -37.27
N ASP B 349 4.91 -10.54 -37.75
CA ASP B 349 5.09 -10.01 -39.09
C ASP B 349 6.57 -9.64 -39.34
N PRO B 350 7.16 -10.10 -40.47
CA PRO B 350 8.55 -9.73 -40.76
C PRO B 350 8.75 -8.24 -41.02
N ASN B 351 7.71 -7.54 -41.44
CA ASN B 351 7.80 -6.11 -41.77
C ASN B 351 7.29 -5.14 -40.69
N VAL B 352 6.99 -5.67 -39.50
CA VAL B 352 6.56 -4.84 -38.39
C VAL B 352 7.72 -3.93 -37.96
N LYS B 353 7.41 -2.66 -37.69
CA LYS B 353 8.35 -1.70 -37.13
C LYS B 353 7.69 -1.02 -35.95
N LEU B 354 8.52 -0.41 -35.10
CA LEU B 354 8.07 0.51 -34.08
C LEU B 354 7.54 1.75 -34.79
N PRO B 355 6.70 2.52 -34.10
CA PRO B 355 6.20 3.76 -34.64
C PRO B 355 7.24 4.83 -34.86
N ASN B 356 8.39 4.74 -34.22
CA ASN B 356 9.45 5.75 -34.39
C ASN B 356 10.38 5.31 -35.53
N GLY B 357 9.96 4.29 -36.27
CA GLY B 357 10.63 3.87 -37.46
C GLY B 357 11.61 2.76 -37.20
N ARG B 358 12.11 2.63 -35.98
CA ARG B 358 13.10 1.59 -35.65
C ARG B 358 12.57 0.17 -35.61
N ASP B 359 13.48 -0.79 -35.56
CA ASP B 359 13.12 -2.19 -35.48
C ASP B 359 12.59 -2.48 -34.09
N THR B 360 11.80 -3.52 -34.00
CA THR B 360 11.30 -4.01 -32.74
C THR B 360 12.43 -4.58 -31.92
N PRO B 361 12.28 -4.55 -30.59
CA PRO B 361 13.27 -5.27 -29.75
C PRO B 361 13.23 -6.78 -29.99
N ALA B 362 14.19 -7.49 -29.42
CA ALA B 362 14.28 -8.93 -29.56
C ALA B 362 12.99 -9.60 -29.09
N LEU B 363 12.42 -10.49 -29.91
CA LEU B 363 11.16 -11.17 -29.55
C LEU B 363 11.16 -12.66 -29.70
N PHE B 364 12.21 -13.22 -30.34
CA PHE B 364 12.20 -14.61 -30.80
C PHE B 364 13.38 -15.44 -30.36
N ASN B 365 14.24 -14.86 -29.53
CA ASN B 365 15.38 -15.53 -28.97
C ASN B 365 14.96 -16.40 -27.79
N PHE B 366 14.03 -17.32 -28.01
CA PHE B 366 13.63 -18.26 -26.92
C PHE B 366 14.75 -19.23 -26.60
N THR B 367 14.82 -19.64 -25.36
CA THR B 367 15.65 -20.73 -24.91
C THR B 367 14.75 -21.94 -24.72
N THR B 368 15.37 -23.10 -24.55
CA THR B 368 14.65 -24.33 -24.36
C THR B 368 14.01 -24.32 -22.98
N GLN B 369 14.69 -23.73 -22.02
CA GLN B 369 14.14 -23.53 -20.67
C GLN B 369 12.82 -22.74 -20.72
N GLU B 370 12.82 -21.69 -21.54
CA GLU B 370 11.66 -20.82 -21.70
C GLU B 370 10.50 -21.50 -22.42
N LEU B 371 10.82 -22.30 -23.44
CA LEU B 371 9.84 -23.10 -24.17
C LEU B 371 9.45 -24.41 -23.48
N SER B 372 10.03 -24.68 -22.31
CA SER B 372 9.99 -26.00 -21.75
C SER B 372 8.56 -26.41 -21.53
N SER B 373 7.74 -25.54 -20.94
CA SER B 373 6.32 -25.85 -20.64
C SER B 373 5.50 -26.37 -21.84
N ASN B 374 5.92 -26.08 -23.07
CA ASN B 374 5.17 -26.60 -24.22
C ASN B 374 5.97 -26.39 -25.50
N PRO B 375 7.04 -27.20 -25.67
CA PRO B 375 7.99 -26.90 -26.75
C PRO B 375 7.41 -26.74 -28.16
N PRO B 376 6.35 -27.49 -28.52
CA PRO B 376 5.71 -27.32 -29.82
C PRO B 376 5.28 -25.92 -30.22
N LEU B 377 4.97 -25.08 -29.23
CA LEU B 377 4.57 -23.69 -29.51
C LEU B 377 5.66 -22.89 -30.28
N ALA B 378 6.91 -23.34 -30.16
CA ALA B 378 8.06 -22.88 -30.97
C ALA B 378 7.77 -22.64 -32.42
N THR B 379 6.88 -23.46 -33.00
CA THR B 379 6.46 -23.31 -34.38
C THR B 379 5.58 -22.08 -34.58
N ILE B 380 4.76 -21.73 -33.58
CA ILE B 380 4.05 -20.43 -33.61
C ILE B 380 4.95 -19.26 -33.16
N LEU B 381 5.71 -19.48 -32.10
CA LEU B 381 6.44 -18.39 -31.44
C LEU B 381 7.64 -17.89 -32.22
N ILE B 382 8.36 -18.78 -32.89
CA ILE B 382 9.48 -18.41 -33.75
C ILE B 382 9.01 -18.41 -35.21
N PRO B 383 8.62 -17.24 -35.74
CA PRO B 383 8.08 -17.25 -37.11
C PRO B 383 9.19 -17.47 -38.14
N PRO B 384 8.85 -18.08 -39.31
CA PRO B 384 9.83 -18.56 -40.32
C PRO B 384 11.00 -17.61 -40.56
N HIS B 385 10.68 -16.34 -40.77
CA HIS B 385 11.70 -15.35 -41.06
C HIS B 385 12.79 -15.15 -39.99
N ALA B 386 12.62 -15.70 -38.78
CA ALA B 386 13.57 -15.51 -37.69
C ALA B 386 14.44 -16.73 -37.42
N ARG B 387 14.98 -17.39 -38.46
CA ARG B 387 15.87 -18.55 -38.25
C ARG B 387 16.68 -18.90 -39.50
#